data_8Y6J
#
_entry.id   8Y6J
#
_cell.length_a   1.00
_cell.length_b   1.00
_cell.length_c   1.00
_cell.angle_alpha   90.00
_cell.angle_beta   90.00
_cell.angle_gamma   90.00
#
_symmetry.space_group_name_H-M   'P 1'
#
_entity_poly.entity_id   1
_entity_poly.type   'polypeptide(L)'
_entity_poly.pdbx_seq_one_letter_code
;MDYKDDDDKASDEVDAGTMHPPSLVLDTLKRIKLYIAMKLLLPNSEVPRIYWEKAQHLCGFLSMKLISRARCVASSVKQS
YSFLVCKSNPLVVQLVYFVIISFAGFLALKNLKPQGKPGPKDLDLLFTSVSTLTVSSMATVEMEDLSDRQLWVLILLMLM
GGEVFTSMLGLYFNNANARRQLADLEDNWETLNDNLKVIEKADNAAQVKDALTKMRAAALDAQKATPPKLEDKSPDSPEM
KDFRHGFDILVGQIDDALKLANEGKVKEAQAAAEQLKTTRNAYIQKYLERARSTLAVLVRIVTGYFVATVISSSVIIIIY
FWIDSDARNVLKSKEINMYTFCIFTAVSSFANCGFTPLNSNMQPFRKNWVLLLLVIPQILAGNTLFSPLLRLCVWVLGKV
SGKAEYAYILQHPGETGYKHLHVRRNSVYIVLSVTGLILLQVMFICSFEWNSESLEGMNWLQKLVGLLFQSVNTRQAGES
ILDISTLSPSTLLLFAVVMYLPSDASFLTANADNQPLTDKKTNSISRALWRNFTVNKLSCLAMFTFLACITERKSISSDP
LNFNIFSIVFEIISAFGNVGYSLGYSCQKLLKPDATCKDASYGFVGRWTEEGKLIVILVMFLGRLKEFILKGSAWSHPQF
EKGGGSGGGSGGSAWSHPQFEK
;
_entity_poly.pdbx_strand_id   A,B
#
# COMPACT_ATOMS: atom_id res chain seq x y z
N ALA A 74 -11.79 -23.65 38.39
CA ALA A 74 -12.44 -22.67 39.26
C ALA A 74 -11.42 -21.69 39.83
N SER A 75 -11.11 -21.83 41.12
CA SER A 75 -10.13 -20.96 41.75
C SER A 75 -8.74 -21.17 41.17
N SER A 76 -8.47 -22.36 40.62
CA SER A 76 -7.18 -22.62 39.99
C SER A 76 -6.98 -21.71 38.77
N VAL A 77 -8.04 -21.47 38.00
CA VAL A 77 -7.95 -20.59 36.85
C VAL A 77 -7.58 -19.18 37.29
N LYS A 78 -8.24 -18.69 38.35
CA LYS A 78 -7.94 -17.35 38.86
C LYS A 78 -6.51 -17.27 39.38
N GLN A 79 -6.05 -18.31 40.09
CA GLN A 79 -4.69 -18.31 40.60
C GLN A 79 -3.67 -18.29 39.47
N SER A 80 -3.90 -19.10 38.42
CA SER A 80 -3.00 -19.12 37.28
C SER A 80 -3.00 -17.76 36.56
N TYR A 81 -4.17 -17.15 36.41
CA TYR A 81 -4.25 -15.85 35.77
C TYR A 81 -3.51 -14.78 36.58
N SER A 82 -3.67 -14.81 37.90
CA SER A 82 -2.95 -13.86 38.75
C SER A 82 -1.44 -14.06 38.66
N PHE A 83 -1.00 -15.32 38.65
CA PHE A 83 0.43 -15.61 38.52
C PHE A 83 0.97 -15.11 37.18
N LEU A 84 0.20 -15.31 36.11
CA LEU A 84 0.63 -14.81 34.80
C LEU A 84 0.69 -13.29 34.78
N VAL A 85 -0.30 -12.63 35.38
CA VAL A 85 -0.36 -11.17 35.34
C VAL A 85 0.76 -10.55 36.16
N CYS A 86 1.07 -11.14 37.32
CA CYS A 86 2.02 -10.51 38.24
C CYS A 86 3.41 -10.40 37.63
N LYS A 87 3.85 -11.43 36.89
CA LYS A 87 5.21 -11.47 36.36
C LYS A 87 5.28 -11.03 34.90
N SER A 88 4.53 -11.69 34.02
CA SER A 88 4.66 -11.43 32.60
C SER A 88 3.99 -10.11 32.20
N ASN A 89 4.34 -9.62 31.02
CA ASN A 89 3.75 -8.41 30.47
C ASN A 89 2.30 -8.69 30.07
N PRO A 90 1.49 -7.63 29.93
CA PRO A 90 0.13 -7.85 29.42
C PRO A 90 0.11 -8.48 28.04
N LEU A 91 1.09 -8.15 27.18
CA LEU A 91 1.14 -8.73 25.85
C LEU A 91 1.28 -10.25 25.91
N VAL A 92 2.18 -10.74 26.76
CA VAL A 92 2.44 -12.17 26.84
C VAL A 92 1.22 -12.92 27.37
N VAL A 93 0.58 -12.39 28.42
CA VAL A 93 -0.56 -13.08 29.00
C VAL A 93 -1.74 -13.05 28.03
N GLN A 94 -1.93 -11.94 27.32
CA GLN A 94 -3.02 -11.90 26.34
C GLN A 94 -2.74 -12.83 25.17
N LEU A 95 -1.49 -12.92 24.74
CA LEU A 95 -1.13 -13.84 23.67
C LEU A 95 -1.39 -15.29 24.08
N VAL A 96 -0.98 -15.67 25.29
CA VAL A 96 -1.21 -17.05 25.72
C VAL A 96 -2.70 -17.31 25.91
N TYR A 97 -3.44 -16.29 26.37
CA TYR A 97 -4.90 -16.40 26.49
C TYR A 97 -5.53 -16.70 25.13
N PHE A 98 -5.19 -15.89 24.11
CA PHE A 98 -5.76 -16.09 22.79
C PHE A 98 -5.35 -17.44 22.21
N VAL A 99 -4.08 -17.82 22.37
CA VAL A 99 -3.61 -19.08 21.80
C VAL A 99 -4.33 -20.26 22.43
N ILE A 100 -4.43 -20.28 23.77
CA ILE A 100 -5.04 -21.41 24.44
C ILE A 100 -6.54 -21.48 24.15
N ILE A 101 -7.21 -20.32 24.09
CA ILE A 101 -8.64 -20.34 23.83
C ILE A 101 -8.91 -20.73 22.38
N SER A 102 -8.08 -20.28 21.44
CA SER A 102 -8.23 -20.69 20.05
C SER A 102 -8.03 -22.19 19.89
N PHE A 103 -7.01 -22.74 20.58
CA PHE A 103 -6.79 -24.18 20.50
C PHE A 103 -7.95 -24.96 21.10
N ALA A 104 -8.48 -24.49 22.23
CA ALA A 104 -9.64 -25.15 22.82
C ALA A 104 -10.85 -25.09 21.89
N GLY A 105 -11.05 -23.94 21.23
CA GLY A 105 -12.17 -23.81 20.31
C GLY A 105 -12.02 -24.72 19.11
N PHE A 106 -10.81 -24.83 18.57
CA PHE A 106 -10.59 -25.75 17.46
C PHE A 106 -10.83 -27.20 17.89
N LEU A 107 -10.35 -27.57 19.08
CA LEU A 107 -10.57 -28.92 19.58
C LEU A 107 -12.05 -29.20 19.74
N ALA A 108 -12.80 -28.24 20.28
CA ALA A 108 -14.25 -28.41 20.41
C ALA A 108 -14.90 -28.56 19.03
N LEU A 109 -14.60 -27.64 18.11
CA LEU A 109 -15.17 -27.69 16.78
C LEU A 109 -14.93 -29.05 16.12
N LYS A 110 -13.74 -29.61 16.34
CA LYS A 110 -13.47 -30.96 15.84
C LYS A 110 -14.31 -32.00 16.57
N ASN A 111 -14.51 -31.83 17.87
CA ASN A 111 -15.14 -32.88 18.68
C ASN A 111 -16.63 -33.02 18.34
N LEU A 112 -17.37 -31.91 18.30
CA LEU A 112 -18.80 -31.99 18.01
C LEU A 112 -19.12 -31.91 16.53
N LYS A 113 -18.20 -32.32 15.66
CA LYS A 113 -18.49 -32.42 14.24
C LYS A 113 -19.57 -33.48 14.03
N PRO A 114 -20.54 -33.23 13.16
CA PRO A 114 -21.57 -34.25 12.90
C PRO A 114 -20.97 -35.52 12.34
N GLN A 115 -21.52 -36.65 12.76
CA GLN A 115 -21.01 -37.96 12.39
C GLN A 115 -21.62 -38.45 11.08
N GLY A 116 -20.85 -39.22 10.33
CA GLY A 116 -21.32 -39.80 9.08
C GLY A 116 -20.93 -38.98 7.87
N LYS A 117 -21.06 -37.66 7.97
CA LYS A 117 -20.70 -36.75 6.91
C LYS A 117 -19.26 -36.28 7.09
N PRO A 118 -18.44 -36.36 6.03
CA PRO A 118 -17.04 -35.94 6.16
C PRO A 118 -16.92 -34.42 6.16
N GLY A 119 -16.52 -33.87 7.30
CA GLY A 119 -16.44 -32.43 7.46
C GLY A 119 -15.15 -31.87 6.90
N PRO A 120 -14.91 -30.59 7.16
CA PRO A 120 -13.70 -29.94 6.63
C PRO A 120 -12.45 -30.47 7.31
N LYS A 121 -11.32 -30.27 6.64
CA LYS A 121 -10.04 -30.67 7.21
C LYS A 121 -9.76 -29.86 8.47
N ASP A 122 -8.91 -30.43 9.34
CA ASP A 122 -8.65 -29.82 10.64
C ASP A 122 -8.08 -28.42 10.51
N LEU A 123 -7.35 -28.14 9.42
CA LEU A 123 -6.82 -26.80 9.22
C LEU A 123 -7.96 -25.79 9.03
N ASP A 124 -9.01 -26.17 8.30
CA ASP A 124 -10.14 -25.26 8.11
C ASP A 124 -10.87 -25.02 9.43
N LEU A 125 -11.04 -26.06 10.25
CA LEU A 125 -11.66 -25.87 11.56
C LEU A 125 -10.80 -24.96 12.44
N LEU A 126 -9.49 -25.15 12.42
CA LEU A 126 -8.61 -24.28 13.21
C LEU A 126 -8.69 -22.84 12.72
N PHE A 127 -8.73 -22.64 11.40
CA PHE A 127 -8.86 -21.29 10.86
C PHE A 127 -10.18 -20.66 11.29
N THR A 128 -11.26 -21.42 11.23
CA THR A 128 -12.55 -20.88 11.64
C THR A 128 -12.56 -20.53 13.12
N SER A 129 -11.96 -21.39 13.95
CA SER A 129 -11.87 -21.11 15.38
C SER A 129 -11.06 -19.85 15.64
N VAL A 130 -9.93 -19.70 14.94
CA VAL A 130 -9.11 -18.51 15.11
C VAL A 130 -9.89 -17.26 14.70
N SER A 131 -10.48 -17.29 13.49
CA SER A 131 -11.18 -16.11 12.99
C SER A 131 -12.37 -15.75 13.88
N THR A 132 -13.03 -16.76 14.44
CA THR A 132 -14.13 -16.51 15.36
C THR A 132 -13.61 -15.88 16.65
N LEU A 133 -12.52 -16.42 17.21
CA LEU A 133 -11.94 -15.83 18.40
C LEU A 133 -11.33 -14.47 18.11
N THR A 134 -10.63 -14.34 16.98
CA THR A 134 -9.97 -13.11 16.57
C THR A 134 -10.95 -12.07 16.03
N VAL A 135 -12.25 -12.32 16.15
CA VAL A 135 -13.33 -11.47 15.63
C VAL A 135 -12.99 -10.90 14.26
N SER A 136 -12.33 -11.72 13.43
CA SER A 136 -11.90 -11.28 12.10
C SER A 136 -12.80 -11.77 10.99
N SER A 137 -13.65 -12.77 11.24
CA SER A 137 -14.69 -13.23 10.33
C SER A 137 -14.17 -13.79 9.01
N MET A 138 -12.88 -14.11 8.92
CA MET A 138 -12.37 -14.71 7.69
C MET A 138 -12.75 -16.18 7.65
N ALA A 139 -13.51 -16.56 6.63
CA ALA A 139 -14.11 -17.88 6.54
C ALA A 139 -13.31 -18.75 5.57
N THR A 140 -12.96 -19.96 6.04
CA THR A 140 -12.42 -21.00 5.17
C THR A 140 -13.44 -22.08 4.88
N VAL A 141 -14.44 -22.25 5.73
CA VAL A 141 -15.51 -23.22 5.53
C VAL A 141 -16.83 -22.47 5.48
N GLU A 142 -17.74 -22.92 4.60
CA GLU A 142 -19.08 -22.37 4.56
C GLU A 142 -19.75 -22.52 5.93
N MET A 143 -20.46 -21.48 6.36
CA MET A 143 -21.08 -21.50 7.67
C MET A 143 -22.19 -22.52 7.77
N GLU A 144 -22.66 -23.05 6.64
CA GLU A 144 -23.70 -24.08 6.64
C GLU A 144 -23.14 -25.47 6.88
N ASP A 145 -21.82 -25.63 6.95
CA ASP A 145 -21.19 -26.91 7.20
C ASP A 145 -21.01 -27.19 8.68
N LEU A 146 -21.46 -26.31 9.55
CA LEU A 146 -21.34 -26.48 10.99
C LEU A 146 -22.72 -26.68 11.60
N SER A 147 -22.81 -27.59 12.56
CA SER A 147 -24.08 -27.88 13.22
C SER A 147 -24.40 -26.80 14.25
N ASP A 148 -25.51 -27.00 14.95
CA ASP A 148 -25.93 -26.02 15.97
C ASP A 148 -24.93 -25.98 17.12
N ARG A 149 -24.39 -27.14 17.52
CA ARG A 149 -23.43 -27.17 18.62
C ARG A 149 -22.15 -26.42 18.25
N GLN A 150 -21.66 -26.62 17.03
CA GLN A 150 -20.50 -25.87 16.57
C GLN A 150 -20.81 -24.37 16.46
N LEU A 151 -22.05 -24.04 16.08
CA LEU A 151 -22.47 -22.64 16.04
C LEU A 151 -22.40 -22.01 17.43
N TRP A 152 -22.84 -22.76 18.45
CA TRP A 152 -22.78 -22.24 19.81
C TRP A 152 -21.34 -22.16 20.32
N VAL A 153 -20.49 -23.10 19.89
CA VAL A 153 -19.06 -22.98 20.21
C VAL A 153 -18.50 -21.70 19.61
N LEU A 154 -18.89 -21.39 18.38
CA LEU A 154 -18.46 -20.13 17.76
C LEU A 154 -18.99 -18.93 18.53
N ILE A 155 -20.23 -19.02 19.01
CA ILE A 155 -20.80 -17.93 19.80
C ILE A 155 -19.97 -17.70 21.06
N LEU A 156 -19.62 -18.79 21.74
CA LEU A 156 -18.81 -18.70 22.96
C LEU A 156 -17.44 -18.10 22.65
N LEU A 157 -16.82 -18.52 21.55
CA LEU A 157 -15.52 -17.96 21.17
C LEU A 157 -15.63 -16.48 20.89
N MET A 158 -16.70 -16.06 20.22
CA MET A 158 -16.90 -14.64 19.95
C MET A 158 -17.07 -13.85 21.24
N LEU A 159 -17.85 -14.39 22.17
CA LEU A 159 -18.05 -13.71 23.45
C LEU A 159 -16.74 -13.57 24.20
N MET A 160 -15.92 -14.63 24.21
CA MET A 160 -14.66 -14.60 24.93
C MET A 160 -13.53 -13.94 24.15
N GLY A 161 -13.76 -13.52 22.91
CA GLY A 161 -12.72 -12.92 22.12
C GLY A 161 -13.01 -11.50 21.63
N GLY A 162 -14.18 -10.97 21.99
CA GLY A 162 -14.51 -9.63 21.56
C GLY A 162 -13.62 -8.58 22.22
N GLU A 163 -13.51 -7.44 21.56
CA GLU A 163 -12.68 -6.36 22.07
C GLU A 163 -13.18 -5.88 23.44
N VAL A 164 -14.49 -5.70 23.55
CA VAL A 164 -15.07 -5.22 24.81
C VAL A 164 -14.83 -6.22 25.93
N PHE A 165 -15.01 -7.52 25.64
CA PHE A 165 -14.83 -8.53 26.69
C PHE A 165 -13.37 -8.64 27.12
N THR A 166 -12.43 -8.58 26.17
CA THR A 166 -11.03 -8.63 26.55
C THR A 166 -10.65 -7.40 27.37
N SER A 167 -11.14 -6.22 26.99
CA SER A 167 -10.88 -5.03 27.78
C SER A 167 -11.50 -5.14 29.17
N MET A 168 -12.69 -5.73 29.26
CA MET A 168 -13.34 -5.94 30.55
C MET A 168 -12.54 -6.88 31.43
N LEU A 169 -12.00 -7.96 30.86
CA LEU A 169 -11.17 -8.88 31.63
C LEU A 169 -9.89 -8.18 32.09
N GLY A 170 -9.29 -7.36 31.20
CA GLY A 170 -8.12 -6.60 31.60
C GLY A 170 -8.41 -5.64 32.75
N LEU A 171 -9.56 -4.97 32.69
CA LEU A 171 -9.95 -4.10 33.79
C LEU A 171 -10.18 -4.88 35.08
N TYR A 172 -10.80 -6.05 34.98
CA TYR A 172 -10.95 -6.92 36.14
C TYR A 172 -9.61 -7.21 36.79
N PHE A 173 -8.63 -7.65 35.99
CA PHE A 173 -7.36 -8.06 36.55
C PHE A 173 -6.55 -6.87 37.04
N ASN A 174 -6.71 -5.71 36.41
CA ASN A 174 -6.00 -4.52 36.86
C ASN A 174 -6.59 -3.98 38.15
N ASN A 175 -7.92 -3.93 38.25
CA ASN A 175 -8.57 -3.47 39.48
C ASN A 175 -8.29 -4.42 40.64
N ALA A 176 -8.29 -5.72 40.37
CA ALA A 176 -7.98 -6.69 41.42
C ALA A 176 -6.56 -6.50 41.93
N ASN A 177 -5.61 -6.26 41.04
CA ASN A 177 -4.22 -6.05 41.42
C ASN A 177 -3.87 -4.57 41.41
N LEU A 298 -15.47 1.19 38.02
CA LEU A 298 -15.64 1.24 36.58
C LEU A 298 -15.86 -0.16 36.02
N VAL A 299 -15.42 -1.17 36.78
CA VAL A 299 -15.63 -2.55 36.38
C VAL A 299 -17.11 -2.87 36.29
N ARG A 300 -17.88 -2.43 37.29
CA ARG A 300 -19.31 -2.71 37.31
C ARG A 300 -20.00 -2.10 36.10
N ILE A 301 -19.65 -0.86 35.75
CA ILE A 301 -20.28 -0.18 34.62
C ILE A 301 -19.94 -0.90 33.32
N VAL A 302 -18.68 -1.30 33.14
CA VAL A 302 -18.29 -1.96 31.90
C VAL A 302 -18.99 -3.31 31.77
N THR A 303 -19.02 -4.10 32.84
CA THR A 303 -19.70 -5.39 32.79
C THR A 303 -21.19 -5.22 32.52
N GLY A 304 -21.82 -4.25 33.17
CA GLY A 304 -23.22 -3.99 32.91
C GLY A 304 -23.46 -3.58 31.47
N TYR A 305 -22.61 -2.72 30.93
CA TYR A 305 -22.75 -2.30 29.54
C TYR A 305 -22.64 -3.50 28.60
N PHE A 306 -21.62 -4.34 28.79
CA PHE A 306 -21.43 -5.50 27.93
C PHE A 306 -22.62 -6.45 27.99
N VAL A 307 -23.01 -6.84 29.21
CA VAL A 307 -24.08 -7.82 29.37
C VAL A 307 -25.39 -7.27 28.85
N ALA A 308 -25.71 -6.03 29.21
CA ALA A 308 -26.96 -5.41 28.80
C ALA A 308 -27.03 -5.26 27.28
N THR A 309 -25.92 -4.85 26.64
CA THR A 309 -25.93 -4.71 25.20
C THR A 309 -26.13 -6.05 24.51
N VAL A 310 -25.43 -7.09 24.99
CA VAL A 310 -25.59 -8.40 24.36
C VAL A 310 -27.02 -8.90 24.51
N ILE A 311 -27.57 -8.81 25.73
CA ILE A 311 -28.91 -9.33 25.98
C ILE A 311 -29.96 -8.54 25.20
N SER A 312 -29.83 -7.20 25.17
CA SER A 312 -30.79 -6.39 24.45
C SER A 312 -30.71 -6.63 22.96
N SER A 313 -29.50 -6.83 22.42
CA SER A 313 -29.37 -7.13 21.00
C SER A 313 -30.05 -8.46 20.67
N SER A 314 -29.81 -9.48 21.49
CA SER A 314 -30.44 -10.77 21.25
C SER A 314 -31.96 -10.66 21.31
N VAL A 315 -32.47 -9.95 22.32
CA VAL A 315 -33.91 -9.82 22.50
C VAL A 315 -34.52 -9.05 21.32
N ILE A 316 -33.84 -7.98 20.88
CA ILE A 316 -34.35 -7.17 19.78
C ILE A 316 -34.42 -7.98 18.50
N ILE A 317 -33.37 -8.74 18.21
CA ILE A 317 -33.37 -9.53 16.97
C ILE A 317 -34.40 -10.64 17.05
N ILE A 318 -34.56 -11.26 18.23
CA ILE A 318 -35.59 -12.28 18.40
C ILE A 318 -36.98 -11.68 18.16
N ILE A 319 -37.23 -10.50 18.72
CA ILE A 319 -38.52 -9.85 18.56
C ILE A 319 -38.78 -9.52 17.09
N TYR A 320 -37.75 -9.02 16.40
CA TYR A 320 -37.93 -8.67 15.00
C TYR A 320 -38.22 -9.91 14.15
N PHE A 321 -37.55 -11.03 14.46
CA PHE A 321 -37.86 -12.26 13.75
C PHE A 321 -39.27 -12.75 14.09
N TRP A 322 -39.72 -12.51 15.30
CA TRP A 322 -41.08 -12.89 15.68
C TRP A 322 -42.12 -12.10 14.89
N ILE A 323 -41.93 -10.78 14.80
CA ILE A 323 -42.94 -9.95 14.16
C ILE A 323 -42.95 -10.16 12.64
N ASP A 324 -41.78 -10.34 12.04
CA ASP A 324 -41.66 -10.49 10.60
C ASP A 324 -41.42 -11.94 10.25
N SER A 325 -42.33 -12.54 9.48
CA SER A 325 -42.26 -13.96 9.15
C SER A 325 -41.37 -14.27 7.96
N ASP A 326 -40.94 -13.25 7.20
CA ASP A 326 -40.06 -13.51 6.06
C ASP A 326 -38.72 -14.08 6.53
N ALA A 327 -38.16 -13.53 7.61
CA ALA A 327 -36.91 -14.06 8.14
C ALA A 327 -37.09 -15.48 8.65
N ARG A 328 -38.23 -15.77 9.28
CA ARG A 328 -38.52 -17.12 9.74
C ARG A 328 -38.59 -18.08 8.56
N ASN A 329 -39.22 -17.66 7.47
CA ASN A 329 -39.28 -18.49 6.27
C ASN A 329 -37.89 -18.73 5.69
N VAL A 330 -37.06 -17.69 5.67
CA VAL A 330 -35.70 -17.84 5.15
C VAL A 330 -34.91 -18.83 6.01
N LEU A 331 -35.02 -18.70 7.33
CA LEU A 331 -34.30 -19.61 8.21
C LEU A 331 -34.81 -21.04 8.08
N LYS A 332 -36.12 -21.22 7.92
CA LYS A 332 -36.65 -22.55 7.69
C LYS A 332 -36.15 -23.13 6.39
N SER A 333 -36.03 -22.30 5.35
CA SER A 333 -35.46 -22.75 4.08
C SER A 333 -34.00 -23.18 4.26
N LYS A 334 -33.24 -22.43 5.05
CA LYS A 334 -31.85 -22.78 5.31
C LYS A 334 -31.69 -23.77 6.46
N GLU A 335 -32.79 -24.13 7.13
CA GLU A 335 -32.77 -25.13 8.21
C GLU A 335 -31.81 -24.71 9.33
N ILE A 336 -31.94 -23.46 9.77
CA ILE A 336 -31.14 -22.93 10.87
C ILE A 336 -32.09 -22.55 11.99
N ASN A 337 -31.75 -22.95 13.22
CA ASN A 337 -32.57 -22.64 14.37
C ASN A 337 -32.72 -21.13 14.53
N MET A 338 -33.96 -20.68 14.74
CA MET A 338 -34.24 -19.25 14.77
C MET A 338 -33.55 -18.56 15.95
N TYR A 339 -33.72 -19.11 17.16
CA TYR A 339 -33.11 -18.51 18.33
C TYR A 339 -31.59 -18.57 18.26
N THR A 340 -31.05 -19.69 17.77
CA THR A 340 -29.61 -19.78 17.61
C THR A 340 -29.09 -18.75 16.62
N PHE A 341 -29.80 -18.56 15.51
CA PHE A 341 -29.38 -17.55 14.55
C PHE A 341 -29.45 -16.15 15.16
N CYS A 342 -30.50 -15.86 15.92
CA CYS A 342 -30.62 -14.55 16.54
C CYS A 342 -29.49 -14.28 17.51
N ILE A 343 -29.19 -15.25 18.38
CA ILE A 343 -28.11 -15.07 19.34
C ILE A 343 -26.77 -14.94 18.64
N PHE A 344 -26.54 -15.76 17.60
CA PHE A 344 -25.31 -15.68 16.84
C PHE A 344 -25.15 -14.31 16.18
N THR A 345 -26.22 -13.80 15.57
CA THR A 345 -26.15 -12.50 14.92
C THR A 345 -25.89 -11.39 15.93
N ALA A 346 -26.59 -11.43 17.07
CA ALA A 346 -26.40 -10.39 18.08
C ALA A 346 -24.98 -10.39 18.62
N VAL A 347 -24.46 -11.58 18.95
CA VAL A 347 -23.11 -11.68 19.49
C VAL A 347 -22.08 -11.24 18.47
N SER A 348 -22.25 -11.65 17.20
CA SER A 348 -21.30 -11.27 16.17
C SER A 348 -21.34 -9.77 15.88
N SER A 349 -22.53 -9.17 15.87
CA SER A 349 -22.64 -7.75 15.59
C SER A 349 -22.07 -6.92 16.74
N PHE A 350 -22.38 -7.29 17.97
CA PHE A 350 -21.83 -6.54 19.10
C PHE A 350 -20.32 -6.73 19.20
N ALA A 351 -19.83 -7.95 19.05
CA ALA A 351 -18.40 -8.21 19.13
C ALA A 351 -17.66 -7.76 17.88
N ASN A 352 -18.37 -7.24 16.88
CA ASN A 352 -17.78 -6.77 15.63
C ASN A 352 -16.99 -7.89 14.93
N CYS A 353 -17.44 -9.13 15.10
CA CYS A 353 -16.76 -10.24 14.43
C CYS A 353 -17.06 -10.25 12.95
N GLY A 354 -18.32 -10.46 12.58
CA GLY A 354 -18.74 -10.46 11.20
C GLY A 354 -19.32 -11.76 10.68
N PHE A 355 -19.41 -12.79 11.52
CA PHE A 355 -19.94 -14.07 11.10
C PHE A 355 -21.46 -14.11 11.30
N THR A 356 -22.12 -14.89 10.44
CA THR A 356 -23.54 -15.17 10.57
C THR A 356 -23.78 -16.59 10.08
N PRO A 357 -24.77 -17.29 10.64
CA PRO A 357 -24.99 -18.69 10.23
C PRO A 357 -25.27 -18.86 8.75
N LEU A 358 -25.90 -17.87 8.11
CA LEU A 358 -26.08 -17.93 6.67
C LEU A 358 -24.73 -17.92 5.97
N ASN A 359 -24.57 -18.79 4.97
CA ASN A 359 -23.30 -18.86 4.25
C ASN A 359 -23.01 -17.57 3.50
N SER A 360 -24.04 -16.93 2.95
CA SER A 360 -23.89 -15.68 2.22
C SER A 360 -23.90 -14.46 3.14
N ASN A 361 -23.67 -14.66 4.44
CA ASN A 361 -23.67 -13.59 5.45
C ASN A 361 -25.03 -12.92 5.42
N MET A 362 -25.11 -11.59 5.42
CA MET A 362 -26.37 -10.88 5.47
C MET A 362 -26.97 -10.62 4.09
N GLN A 363 -26.38 -11.18 3.03
CA GLN A 363 -26.92 -10.99 1.69
C GLN A 363 -28.38 -11.36 1.55
N PRO A 364 -28.90 -12.47 2.10
CA PRO A 364 -30.34 -12.73 1.99
C PRO A 364 -31.20 -11.68 2.68
N PHE A 365 -30.65 -10.95 3.64
CA PHE A 365 -31.41 -9.96 4.40
C PHE A 365 -31.18 -8.54 3.93
N ARG A 366 -30.56 -8.34 2.76
CA ARG A 366 -30.31 -6.99 2.27
C ARG A 366 -31.61 -6.24 2.00
N LYS A 367 -32.69 -6.96 1.68
CA LYS A 367 -33.96 -6.32 1.44
C LYS A 367 -34.63 -5.86 2.75
N ASN A 368 -34.32 -6.53 3.85
CA ASN A 368 -34.92 -6.21 5.15
C ASN A 368 -34.15 -5.07 5.77
N TRP A 369 -34.59 -3.84 5.50
CA TRP A 369 -33.89 -2.66 6.00
C TRP A 369 -34.10 -2.47 7.50
N VAL A 370 -35.22 -2.95 8.04
CA VAL A 370 -35.48 -2.82 9.46
C VAL A 370 -34.44 -3.59 10.27
N LEU A 371 -34.11 -4.81 9.83
CA LEU A 371 -33.09 -5.58 10.52
C LEU A 371 -31.73 -4.90 10.47
N LEU A 372 -31.39 -4.32 9.31
CA LEU A 372 -30.12 -3.61 9.20
C LEU A 372 -30.07 -2.41 10.12
N LEU A 373 -31.17 -1.65 10.20
CA LEU A 373 -31.20 -0.49 11.07
C LEU A 373 -31.22 -0.88 12.54
N LEU A 374 -31.70 -2.09 12.85
CA LEU A 374 -31.66 -2.57 14.24
C LEU A 374 -30.32 -3.20 14.59
N VAL A 375 -29.56 -3.65 13.60
CA VAL A 375 -28.25 -4.24 13.86
C VAL A 375 -27.15 -3.19 13.87
N ILE A 376 -27.30 -2.10 13.11
CA ILE A 376 -26.28 -1.06 13.08
C ILE A 376 -25.90 -0.55 14.46
N PRO A 377 -26.85 -0.24 15.36
CA PRO A 377 -26.41 0.18 16.72
C PRO A 377 -25.61 -0.88 17.46
N GLN A 378 -25.91 -2.17 17.24
CA GLN A 378 -25.15 -3.22 17.90
C GLN A 378 -23.69 -3.20 17.46
N ILE A 379 -23.45 -3.01 16.16
CA ILE A 379 -22.09 -2.91 15.66
C ILE A 379 -21.43 -1.63 16.16
N LEU A 380 -22.19 -0.54 16.21
CA LEU A 380 -21.67 0.73 16.68
C LEU A 380 -21.57 0.80 18.20
N ALA A 381 -22.00 -0.24 18.91
CA ALA A 381 -21.81 -0.33 20.36
C ALA A 381 -20.74 -1.34 20.73
N GLY A 382 -19.97 -1.81 19.76
CA GLY A 382 -18.95 -2.82 20.02
C GLY A 382 -17.55 -2.23 20.08
N ASN A 383 -16.73 -2.50 19.07
CA ASN A 383 -15.39 -1.92 19.02
C ASN A 383 -15.45 -0.43 18.69
N THR A 384 -16.25 -0.06 17.70
CA THR A 384 -16.39 1.33 17.30
C THR A 384 -17.43 2.03 18.17
N LEU A 385 -17.19 3.31 18.44
CA LEU A 385 -18.05 4.12 19.32
C LEU A 385 -18.24 3.45 20.68
N PHE A 386 -17.21 2.74 21.16
CA PHE A 386 -17.30 2.18 22.50
C PHE A 386 -16.96 3.22 23.54
N SER A 387 -15.92 4.01 23.31
CA SER A 387 -15.56 5.06 24.26
C SER A 387 -16.64 6.13 24.43
N PRO A 388 -17.21 6.71 23.36
CA PRO A 388 -18.25 7.72 23.60
C PRO A 388 -19.51 7.14 24.22
N LEU A 389 -19.91 5.93 23.83
CA LEU A 389 -21.08 5.32 24.43
C LEU A 389 -20.86 5.02 25.90
N LEU A 390 -19.67 4.52 26.25
CA LEU A 390 -19.35 4.28 27.65
C LEU A 390 -19.32 5.59 28.43
N ARG A 391 -18.78 6.65 27.83
CA ARG A 391 -18.77 7.96 28.48
C ARG A 391 -20.19 8.46 28.73
N LEU A 392 -21.07 8.30 27.75
CA LEU A 392 -22.46 8.71 27.91
C LEU A 392 -23.16 7.89 28.99
N CYS A 393 -22.87 6.59 29.04
CA CYS A 393 -23.45 5.73 30.06
C CYS A 393 -23.01 6.16 31.46
N VAL A 394 -21.71 6.44 31.61
CA VAL A 394 -21.20 6.93 32.89
C VAL A 394 -21.86 8.25 33.24
N TRP A 395 -22.03 9.13 32.24
CA TRP A 395 -22.64 10.43 32.49
C TRP A 395 -24.07 10.30 32.97
N VAL A 396 -24.87 9.44 32.33
CA VAL A 396 -26.27 9.32 32.73
C VAL A 396 -26.37 8.65 34.10
N LEU A 397 -25.50 7.66 34.38
CA LEU A 397 -25.50 7.05 35.71
C LEU A 397 -25.15 8.09 36.77
N GLY A 398 -24.16 8.93 36.52
CA GLY A 398 -23.80 9.95 37.48
C GLY A 398 -24.91 10.97 37.68
N LYS A 399 -25.59 11.36 36.59
CA LYS A 399 -26.66 12.34 36.70
C LYS A 399 -27.83 11.78 37.50
N VAL A 400 -28.23 10.53 37.22
CA VAL A 400 -29.39 9.96 37.90
C VAL A 400 -29.06 9.65 39.35
N SER A 401 -27.87 9.09 39.60
CA SER A 401 -27.52 8.70 40.97
C SER A 401 -27.12 9.90 41.81
N GLY A 402 -26.38 10.84 41.22
CA GLY A 402 -25.84 11.96 41.97
C GLY A 402 -24.57 11.66 42.73
N LYS A 403 -24.04 10.44 42.64
CA LYS A 403 -22.82 10.08 43.34
C LYS A 403 -21.63 10.80 42.73
N ALA A 404 -20.78 11.37 43.58
CA ALA A 404 -19.63 12.11 43.10
C ALA A 404 -18.57 11.21 42.47
N GLU A 405 -18.58 9.92 42.78
CA GLU A 405 -17.60 9.01 42.20
C GLU A 405 -17.75 8.91 40.69
N TYR A 406 -18.99 8.86 40.20
CA TYR A 406 -19.22 8.79 38.76
C TYR A 406 -18.72 10.04 38.06
N ALA A 407 -18.98 11.21 38.63
CA ALA A 407 -18.48 12.45 38.05
C ALA A 407 -16.95 12.50 38.08
N TYR A 408 -16.35 12.00 39.17
CA TYR A 408 -14.90 11.95 39.27
C TYR A 408 -14.31 11.07 38.19
N ILE A 409 -14.93 9.91 37.94
CA ILE A 409 -14.49 9.04 36.86
C ILE A 409 -14.67 9.74 35.51
N LEU A 410 -15.79 10.44 35.35
CA LEU A 410 -16.08 11.10 34.08
C LEU A 410 -15.05 12.17 33.74
N GLN A 411 -14.69 12.98 34.74
CA GLN A 411 -13.84 14.13 34.48
C GLN A 411 -12.35 13.79 34.60
N HIS A 412 -12.01 12.69 35.27
CA HIS A 412 -10.65 12.13 35.29
C HIS A 412 -10.62 10.81 34.54
N PRO A 413 -10.68 10.83 33.21
CA PRO A 413 -10.64 9.56 32.46
C PRO A 413 -9.29 8.88 32.53
N GLY A 414 -8.20 9.64 32.63
CA GLY A 414 -6.89 9.02 32.64
C GLY A 414 -6.50 8.42 33.98
N GLU A 415 -7.13 8.87 35.06
CA GLU A 415 -6.77 8.37 36.39
C GLU A 415 -7.12 6.90 36.53
N THR A 416 -8.27 6.48 36.01
CA THR A 416 -8.69 5.09 36.14
C THR A 416 -7.87 4.16 35.25
N GLY A 417 -7.17 4.69 34.24
CA GLY A 417 -6.33 3.90 33.39
C GLY A 417 -7.02 3.12 32.30
N TYR A 418 -8.34 3.28 32.14
CA TYR A 418 -9.05 2.57 31.10
C TYR A 418 -8.68 3.10 29.73
N LYS A 419 -8.38 2.20 28.80
CA LYS A 419 -8.02 2.60 27.45
C LYS A 419 -9.20 3.22 26.72
N HIS A 420 -10.39 2.67 26.90
CA HIS A 420 -11.57 3.08 26.15
C HIS A 420 -12.43 4.08 26.92
N LEU A 421 -11.82 4.88 27.79
CA LEU A 421 -12.52 5.96 28.50
C LEU A 421 -11.65 7.20 28.40
N HIS A 422 -11.99 8.09 27.48
CA HIS A 422 -11.17 9.26 27.18
C HIS A 422 -11.86 10.54 27.67
N VAL A 423 -11.21 11.66 27.38
CA VAL A 423 -11.76 12.96 27.77
C VAL A 423 -12.84 13.38 26.78
N ARG A 424 -13.67 14.35 27.18
CA ARG A 424 -14.78 14.80 26.36
C ARG A 424 -14.33 15.16 24.94
N ARG A 425 -13.20 15.86 24.83
CA ARG A 425 -12.71 16.22 23.50
C ARG A 425 -12.40 14.97 22.67
N ASN A 426 -11.75 13.98 23.28
CA ASN A 426 -11.40 12.78 22.55
C ASN A 426 -12.64 11.98 22.14
N SER A 427 -13.64 11.89 23.03
CA SER A 427 -14.86 11.18 22.68
C SER A 427 -15.62 11.89 21.57
N VAL A 428 -15.67 13.22 21.62
CA VAL A 428 -16.28 13.99 20.54
C VAL A 428 -15.53 13.77 19.24
N TYR A 429 -14.20 13.67 19.31
CA TYR A 429 -13.42 13.35 18.12
C TYR A 429 -13.77 11.96 17.59
N ILE A 430 -13.95 10.99 18.50
CA ILE A 430 -14.33 9.64 18.08
C ILE A 430 -15.63 9.68 17.29
N VAL A 431 -16.65 10.34 17.86
CA VAL A 431 -17.95 10.41 17.23
C VAL A 431 -17.85 11.11 15.88
N LEU A 432 -17.17 12.27 15.85
CA LEU A 432 -17.08 13.04 14.62
C LEU A 432 -16.32 12.28 13.55
N SER A 433 -15.21 11.64 13.91
CA SER A 433 -14.40 10.91 12.93
C SER A 433 -15.16 9.74 12.35
N VAL A 434 -15.81 8.95 13.20
CA VAL A 434 -16.51 7.78 12.70
C VAL A 434 -17.72 8.20 11.86
N THR A 435 -18.46 9.21 12.31
CA THR A 435 -19.60 9.69 11.53
C THR A 435 -19.16 10.23 10.18
N GLY A 436 -18.07 11.01 10.16
CA GLY A 436 -17.58 11.55 8.90
C GLY A 436 -17.09 10.47 7.95
N LEU A 437 -16.39 9.46 8.49
CA LEU A 437 -15.94 8.36 7.65
C LEU A 437 -17.11 7.58 7.09
N ILE A 438 -18.13 7.32 7.91
CA ILE A 438 -19.31 6.61 7.44
C ILE A 438 -20.01 7.42 6.35
N LEU A 439 -20.15 8.73 6.55
CA LEU A 439 -20.80 9.57 5.55
C LEU A 439 -20.00 9.61 4.25
N LEU A 440 -18.67 9.68 4.35
CA LEU A 440 -17.84 9.67 3.14
C LEU A 440 -17.99 8.36 2.38
N GLN A 441 -17.97 7.24 3.11
CA GLN A 441 -18.14 5.95 2.45
C GLN A 441 -19.52 5.84 1.81
N VAL A 442 -20.56 6.30 2.50
CA VAL A 442 -21.90 6.26 1.94
C VAL A 442 -21.96 7.12 0.68
N MET A 443 -21.36 8.30 0.72
CA MET A 443 -21.37 9.19 -0.44
C MET A 443 -20.70 8.53 -1.63
N PHE A 444 -19.51 7.95 -1.42
CA PHE A 444 -18.80 7.35 -2.55
C PHE A 444 -19.53 6.13 -3.09
N ILE A 445 -20.06 5.28 -2.22
CA ILE A 445 -20.75 4.09 -2.68
C ILE A 445 -22.04 4.45 -3.39
N CYS A 446 -22.76 5.46 -2.89
CA CYS A 446 -23.97 5.92 -3.58
C CYS A 446 -23.64 6.55 -4.93
N SER A 447 -22.50 7.25 -5.02
CA SER A 447 -22.10 7.80 -6.30
C SER A 447 -21.76 6.71 -7.30
N PHE A 448 -21.09 5.65 -6.85
CA PHE A 448 -20.55 4.67 -7.79
C PHE A 448 -21.51 3.50 -8.05
N GLU A 449 -21.85 2.75 -7.00
CA GLU A 449 -22.55 1.48 -7.16
C GLU A 449 -24.02 1.54 -6.77
N TRP A 450 -24.66 2.70 -6.92
CA TRP A 450 -26.09 2.78 -6.63
C TRP A 450 -26.89 1.93 -7.61
N ASN A 451 -26.49 1.94 -8.88
CA ASN A 451 -27.19 1.19 -9.93
C ASN A 451 -26.54 -0.16 -10.21
N SER A 452 -25.62 -0.62 -9.36
CA SER A 452 -24.95 -1.88 -9.60
C SER A 452 -25.90 -3.04 -9.43
N GLU A 453 -25.52 -4.20 -9.98
CA GLU A 453 -26.34 -5.40 -9.90
C GLU A 453 -26.55 -5.86 -8.47
N SER A 454 -25.56 -5.64 -7.59
CA SER A 454 -25.67 -6.11 -6.22
C SER A 454 -26.82 -5.48 -5.46
N LEU A 455 -27.33 -4.34 -5.93
CA LEU A 455 -28.46 -3.67 -5.29
C LEU A 455 -29.71 -3.68 -6.16
N GLU A 456 -29.72 -4.44 -7.24
CA GLU A 456 -30.88 -4.49 -8.12
C GLU A 456 -32.05 -5.15 -7.40
N GLY A 457 -33.24 -4.58 -7.60
CA GLY A 457 -34.44 -5.06 -6.95
C GLY A 457 -34.73 -4.45 -5.60
N MET A 458 -34.05 -3.36 -5.24
CA MET A 458 -34.25 -2.71 -3.95
C MET A 458 -34.80 -1.30 -4.15
N ASN A 459 -35.62 -0.87 -3.19
CA ASN A 459 -36.14 0.48 -3.20
C ASN A 459 -35.01 1.47 -2.87
N TRP A 460 -35.29 2.76 -3.10
CA TRP A 460 -34.30 3.78 -2.80
C TRP A 460 -33.97 3.82 -1.32
N LEU A 461 -34.99 3.71 -0.46
CA LEU A 461 -34.74 3.62 0.97
C LEU A 461 -33.99 2.35 1.32
N GLN A 462 -34.36 1.23 0.69
CA GLN A 462 -33.65 -0.02 0.93
C GLN A 462 -32.19 0.09 0.53
N LYS A 463 -31.92 0.68 -0.64
CA LYS A 463 -30.55 0.85 -1.08
C LYS A 463 -29.77 1.76 -0.14
N LEU A 464 -30.40 2.86 0.31
CA LEU A 464 -29.73 3.78 1.21
C LEU A 464 -29.38 3.10 2.53
N VAL A 465 -30.33 2.36 3.11
CA VAL A 465 -30.08 1.69 4.38
C VAL A 465 -29.02 0.62 4.22
N GLY A 466 -29.07 -0.14 3.12
CA GLY A 466 -28.07 -1.17 2.91
C GLY A 466 -26.67 -0.60 2.72
N LEU A 467 -26.55 0.50 1.97
CA LEU A 467 -25.25 1.12 1.78
C LEU A 467 -24.73 1.72 3.08
N LEU A 468 -25.62 2.30 3.90
CA LEU A 468 -25.20 2.80 5.20
C LEU A 468 -24.72 1.67 6.10
N PHE A 469 -25.42 0.53 6.06
CA PHE A 469 -25.00 -0.63 6.83
C PHE A 469 -23.64 -1.13 6.39
N GLN A 470 -23.42 -1.18 5.07
CA GLN A 470 -22.11 -1.60 4.55
C GLN A 470 -21.01 -0.62 4.96
N SER A 471 -21.29 0.68 4.89
CA SER A 471 -20.29 1.66 5.28
C SER A 471 -19.97 1.57 6.76
N VAL A 472 -20.99 1.34 7.60
CA VAL A 472 -20.75 1.14 9.03
C VAL A 472 -19.90 -0.10 9.25
N ASN A 473 -20.16 -1.16 8.49
CA ASN A 473 -19.45 -2.41 8.68
C ASN A 473 -18.02 -2.37 8.18
N THR A 474 -17.74 -1.47 7.22
CA THR A 474 -16.42 -1.49 6.58
C THR A 474 -15.31 -1.26 7.59
N ARG A 475 -15.51 -0.35 8.55
CA ARG A 475 -14.45 0.03 9.48
C ARG A 475 -13.93 -1.19 10.24
N GLN A 476 -14.74 -1.76 11.13
CA GLN A 476 -14.49 -3.13 11.60
C GLN A 476 -15.82 -3.72 12.05
N ALA A 477 -16.54 -4.33 11.13
CA ALA A 477 -17.59 -5.27 11.51
C ALA A 477 -17.42 -6.60 10.79
N GLY A 478 -17.26 -6.54 9.47
CA GLY A 478 -17.15 -7.73 8.66
C GLY A 478 -18.41 -8.11 7.92
N GLU A 479 -19.57 -7.96 8.56
CA GLU A 479 -20.82 -8.35 7.93
C GLU A 479 -21.08 -7.54 6.67
N SER A 480 -21.47 -8.23 5.60
CA SER A 480 -21.70 -7.59 4.31
C SER A 480 -23.01 -8.05 3.73
N ILE A 481 -23.66 -7.16 3.00
CA ILE A 481 -24.88 -7.48 2.26
C ILE A 481 -24.68 -7.49 0.75
N LEU A 482 -23.52 -7.05 0.27
CA LEU A 482 -23.19 -7.08 -1.15
C LEU A 482 -22.02 -8.01 -1.39
N ASP A 483 -22.01 -8.65 -2.54
CA ASP A 483 -20.84 -9.40 -2.99
C ASP A 483 -19.76 -8.38 -3.35
N ILE A 484 -18.79 -8.21 -2.45
CA ILE A 484 -17.82 -7.13 -2.57
C ILE A 484 -17.02 -7.21 -3.87
N SER A 485 -16.96 -8.40 -4.48
CA SER A 485 -16.24 -8.54 -5.75
C SER A 485 -16.87 -7.70 -6.84
N THR A 486 -18.21 -7.67 -6.91
CA THR A 486 -18.90 -6.96 -7.98
C THR A 486 -18.77 -5.44 -7.90
N LEU A 487 -18.26 -4.91 -6.78
CA LEU A 487 -18.13 -3.47 -6.64
C LEU A 487 -17.02 -2.94 -7.53
N SER A 488 -17.12 -1.66 -7.87
CA SER A 488 -16.15 -1.03 -8.75
C SER A 488 -14.79 -0.90 -8.06
N PRO A 489 -13.71 -0.80 -8.83
CA PRO A 489 -12.37 -0.72 -8.22
C PRO A 489 -12.19 0.47 -7.30
N SER A 490 -12.83 1.60 -7.60
CA SER A 490 -12.70 2.77 -6.72
C SER A 490 -13.26 2.47 -5.33
N THR A 491 -14.43 1.83 -5.27
CA THR A 491 -15.01 1.48 -3.98
C THR A 491 -14.20 0.41 -3.27
N LEU A 492 -13.64 -0.53 -4.02
CA LEU A 492 -12.77 -1.53 -3.41
C LEU A 492 -11.54 -0.88 -2.79
N LEU A 493 -10.95 0.09 -3.49
CA LEU A 493 -9.79 0.78 -2.94
C LEU A 493 -10.17 1.63 -1.73
N LEU A 494 -11.36 2.23 -1.76
CA LEU A 494 -11.84 2.97 -0.59
C LEU A 494 -12.00 2.04 0.60
N PHE A 495 -12.54 0.84 0.37
CA PHE A 495 -12.65 -0.15 1.43
C PHE A 495 -11.28 -0.52 1.97
N ALA A 496 -10.31 -0.75 1.08
CA ALA A 496 -8.98 -1.10 1.52
C ALA A 496 -8.36 0.02 2.35
N VAL A 497 -8.57 1.27 1.94
CA VAL A 497 -8.04 2.40 2.68
C VAL A 497 -8.67 2.47 4.07
N VAL A 498 -9.99 2.30 4.15
CA VAL A 498 -10.67 2.43 5.44
C VAL A 498 -10.25 1.32 6.39
N MET A 499 -10.20 0.08 5.91
CA MET A 499 -9.76 -1.02 6.77
C MET A 499 -8.26 -0.96 7.05
N TYR A 500 -7.50 -0.19 6.27
CA TYR A 500 -6.10 0.05 6.63
C TYR A 500 -5.95 1.14 7.67
N LEU A 501 -6.93 2.04 7.79
CA LEU A 501 -6.83 3.11 8.77
C LEU A 501 -6.78 2.52 10.17
N PRO A 502 -5.80 2.90 10.99
CA PRO A 502 -5.72 2.35 12.35
C PRO A 502 -6.91 2.79 13.19
N SER A 503 -7.26 1.95 14.15
CA SER A 503 -8.39 2.23 15.03
C SER A 503 -8.13 3.51 15.81
N ASP A 504 -9.20 4.28 16.04
CA ASP A 504 -9.07 5.56 16.73
C ASP A 504 -8.56 5.38 18.16
N ALA A 505 -8.83 4.23 18.77
CA ALA A 505 -8.21 3.92 20.05
C ALA A 505 -6.70 3.77 19.91
N SER A 506 -6.23 3.27 18.77
CA SER A 506 -4.80 3.17 18.51
C SER A 506 -4.20 4.50 18.04
N PHE A 507 -5.03 5.49 17.74
CA PHE A 507 -4.55 6.81 17.33
C PHE A 507 -4.51 7.80 18.48
N LEU A 508 -5.54 7.83 19.32
CA LEU A 508 -5.56 8.75 20.45
C LEU A 508 -4.54 8.34 21.51
N THR A 509 -4.52 7.05 21.86
CA THR A 509 -3.60 6.57 22.89
C THR A 509 -2.15 6.72 22.45
N ALA A 510 -1.85 6.38 21.20
CA ALA A 510 -0.48 6.51 20.71
C ALA A 510 -0.09 7.96 20.44
N ASN A 511 -1.07 8.85 20.33
CA ASN A 511 -0.79 10.26 20.06
C ASN A 511 -1.72 11.16 20.86
N ILE A 525 22.53 4.64 16.38
CA ILE A 525 21.30 5.41 16.50
C ILE A 525 20.43 5.16 15.27
N SER A 526 21.07 5.07 14.10
CA SER A 526 20.33 4.84 12.87
C SER A 526 19.60 3.49 12.89
N ARG A 527 20.17 2.49 13.57
CA ARG A 527 19.48 1.21 13.70
C ARG A 527 18.21 1.36 14.55
N ALA A 528 18.25 2.24 15.55
CA ALA A 528 17.04 2.53 16.31
C ALA A 528 15.98 3.17 15.43
N LEU A 529 16.39 4.06 14.53
CA LEU A 529 15.44 4.65 13.58
C LEU A 529 14.89 3.60 12.63
N TRP A 530 15.73 2.67 12.20
CA TRP A 530 15.25 1.57 11.34
C TRP A 530 14.20 0.74 12.07
N ARG A 531 14.46 0.42 13.34
CA ARG A 531 13.50 -0.35 14.13
C ARG A 531 12.19 0.44 14.30
N ASN A 532 12.31 1.73 14.58
CA ASN A 532 11.12 2.57 14.72
C ASN A 532 10.32 2.62 13.43
N PHE A 533 11.00 2.62 12.29
CA PHE A 533 10.30 2.64 11.01
C PHE A 533 9.67 1.29 10.68
N THR A 534 10.28 0.19 11.15
CA THR A 534 9.72 -1.12 10.87
C THR A 534 8.38 -1.34 11.55
N VAL A 535 8.09 -0.61 12.63
CA VAL A 535 6.79 -0.70 13.28
C VAL A 535 5.94 0.50 12.90
N ASN A 536 5.21 0.37 11.79
CA ASN A 536 4.34 1.44 11.31
C ASN A 536 3.03 0.92 10.74
N LYS A 537 2.73 -0.38 10.90
CA LYS A 537 1.56 -1.10 10.40
C LYS A 537 1.67 -1.35 8.90
N LEU A 538 2.66 -0.77 8.21
CA LEU A 538 2.79 -0.95 6.77
C LEU A 538 3.85 -1.97 6.38
N SER A 539 4.99 -1.99 7.09
CA SER A 539 6.04 -2.96 6.78
C SER A 539 5.55 -4.38 7.01
N CYS A 540 4.81 -4.61 8.10
CA CYS A 540 4.26 -5.94 8.35
C CYS A 540 3.29 -6.35 7.26
N LEU A 541 2.44 -5.43 6.82
CA LEU A 541 1.51 -5.75 5.73
C LEU A 541 2.25 -6.09 4.45
N ALA A 542 3.29 -5.34 4.12
CA ALA A 542 4.06 -5.62 2.92
C ALA A 542 4.74 -6.97 3.01
N MET A 543 5.33 -7.29 4.17
CA MET A 543 6.02 -8.56 4.32
C MET A 543 5.04 -9.73 4.22
N PHE A 544 3.87 -9.62 4.86
CA PHE A 544 2.89 -10.70 4.80
C PHE A 544 2.30 -10.85 3.41
N THR A 545 2.07 -9.73 2.71
CA THR A 545 1.60 -9.82 1.34
C THR A 545 2.64 -10.46 0.43
N PHE A 546 3.91 -10.14 0.65
CA PHE A 546 4.99 -10.78 -0.11
C PHE A 546 5.01 -12.28 0.14
N LEU A 547 4.85 -12.70 1.40
CA LEU A 547 4.80 -14.12 1.70
C LEU A 547 3.60 -14.80 1.06
N ALA A 548 2.44 -14.15 1.11
CA ALA A 548 1.23 -14.73 0.52
C ALA A 548 1.37 -14.86 -0.99
N CYS A 549 1.97 -13.87 -1.64
CA CYS A 549 2.21 -13.94 -3.07
C CYS A 549 3.22 -15.04 -3.40
N ILE A 550 4.20 -15.25 -2.52
CA ILE A 550 5.14 -16.35 -2.73
C ILE A 550 4.42 -17.69 -2.67
N THR A 551 3.54 -17.86 -1.68
CA THR A 551 2.88 -19.15 -1.50
C THR A 551 1.90 -19.43 -2.63
N GLU A 552 1.24 -18.40 -3.15
CA GLU A 552 0.20 -18.55 -4.17
C GLU A 552 0.72 -18.27 -5.58
N ARG A 553 2.02 -18.47 -5.83
CA ARG A 553 2.58 -18.16 -7.13
C ARG A 553 1.92 -18.99 -8.23
N LYS A 554 1.70 -20.28 -7.97
CA LYS A 554 1.05 -21.13 -8.96
C LYS A 554 -0.38 -20.67 -9.23
N SER A 555 -1.10 -20.32 -8.15
CA SER A 555 -2.48 -19.85 -8.33
C SER A 555 -2.54 -18.53 -9.06
N ILE A 556 -1.62 -17.61 -8.76
CA ILE A 556 -1.61 -16.33 -9.45
C ILE A 556 -1.28 -16.53 -10.93
N SER A 557 -0.29 -17.38 -11.23
CA SER A 557 0.08 -17.61 -12.62
C SER A 557 -1.06 -18.27 -13.39
N SER A 558 -1.71 -19.27 -12.81
CA SER A 558 -2.76 -19.98 -13.50
C SER A 558 -4.04 -19.15 -13.60
N ASP A 559 -4.42 -18.47 -12.51
CA ASP A 559 -5.68 -17.73 -12.43
C ASP A 559 -5.38 -16.31 -11.97
N PRO A 560 -5.07 -15.41 -12.90
CA PRO A 560 -4.74 -14.04 -12.51
C PRO A 560 -5.93 -13.14 -12.28
N LEU A 561 -7.14 -13.54 -12.66
CA LEU A 561 -8.31 -12.69 -12.46
C LEU A 561 -8.79 -12.69 -11.02
N ASN A 562 -8.73 -13.84 -10.34
CA ASN A 562 -9.10 -13.93 -8.93
C ASN A 562 -7.89 -13.91 -8.01
N PHE A 563 -6.82 -14.59 -8.38
CA PHE A 563 -5.59 -14.58 -7.59
C PHE A 563 -4.63 -13.50 -8.11
N ASN A 564 -5.07 -12.25 -8.04
CA ASN A 564 -4.20 -11.14 -8.38
C ASN A 564 -3.64 -10.51 -7.10
N ILE A 565 -2.64 -9.67 -7.28
CA ILE A 565 -1.93 -9.11 -6.13
C ILE A 565 -2.84 -8.20 -5.30
N PHE A 566 -3.76 -7.47 -5.96
CA PHE A 566 -4.65 -6.62 -5.19
C PHE A 566 -5.57 -7.43 -4.29
N SER A 567 -6.05 -8.59 -4.75
CA SER A 567 -6.91 -9.42 -3.90
C SER A 567 -6.14 -9.92 -2.68
N ILE A 568 -4.88 -10.30 -2.87
CA ILE A 568 -4.07 -10.74 -1.75
C ILE A 568 -3.81 -9.59 -0.78
N VAL A 569 -3.57 -8.39 -1.32
CA VAL A 569 -3.42 -7.21 -0.46
C VAL A 569 -4.69 -6.98 0.34
N PHE A 570 -5.85 -7.10 -0.31
CA PHE A 570 -7.12 -6.92 0.38
C PHE A 570 -7.31 -7.94 1.48
N GLU A 571 -6.99 -9.21 1.21
CA GLU A 571 -7.12 -10.24 2.24
C GLU A 571 -6.18 -9.98 3.40
N ILE A 572 -4.95 -9.56 3.12
CA ILE A 572 -3.99 -9.31 4.20
C ILE A 572 -4.43 -8.11 5.03
N ILE A 573 -4.92 -7.06 4.38
CA ILE A 573 -5.44 -5.90 5.12
C ILE A 573 -6.62 -6.29 5.97
N SER A 574 -7.53 -7.12 5.42
CA SER A 574 -8.70 -7.56 6.17
C SER A 574 -8.30 -8.38 7.38
N ALA A 575 -7.31 -9.27 7.22
CA ALA A 575 -6.88 -10.12 8.33
C ALA A 575 -6.18 -9.31 9.40
N PHE A 576 -5.29 -8.40 9.02
CA PHE A 576 -4.57 -7.61 10.00
C PHE A 576 -5.48 -6.62 10.71
N GLY A 577 -6.43 -6.03 9.98
CA GLY A 577 -7.40 -5.15 10.58
C GLY A 577 -8.57 -5.85 11.23
N ASN A 578 -8.63 -7.17 11.13
CA ASN A 578 -9.70 -7.97 11.73
C ASN A 578 -11.08 -7.53 11.25
N VAL A 579 -11.15 -7.06 10.01
CA VAL A 579 -12.43 -6.61 9.47
C VAL A 579 -13.25 -7.81 9.00
N GLY A 580 -12.77 -8.52 7.99
CA GLY A 580 -13.48 -9.67 7.45
C GLY A 580 -13.92 -9.54 6.01
N TYR A 581 -13.67 -8.42 5.34
CA TYR A 581 -14.04 -8.29 3.94
C TYR A 581 -13.16 -9.19 3.08
N SER A 582 -13.81 -10.03 2.28
CA SER A 582 -13.12 -10.93 1.36
C SER A 582 -13.55 -10.60 -0.05
N LEU A 583 -12.58 -10.45 -0.95
CA LEU A 583 -12.89 -10.15 -2.34
C LEU A 583 -13.57 -11.30 -3.05
N GLY A 584 -13.60 -12.49 -2.44
CA GLY A 584 -14.34 -13.60 -2.99
C GLY A 584 -13.59 -14.31 -4.11
N TYR A 585 -14.25 -15.33 -4.66
CA TYR A 585 -13.68 -16.12 -5.75
C TYR A 585 -14.84 -16.66 -6.57
N SER A 586 -15.08 -16.05 -7.72
CA SER A 586 -16.07 -16.53 -8.67
C SER A 586 -15.36 -17.34 -9.75
N CYS A 587 -15.59 -18.65 -9.75
CA CYS A 587 -14.89 -19.51 -10.70
C CYS A 587 -15.28 -19.24 -12.14
N GLN A 588 -16.38 -18.52 -12.38
CA GLN A 588 -16.71 -18.11 -13.73
C GLN A 588 -15.69 -17.12 -14.30
N LYS A 589 -14.83 -16.56 -13.47
CA LYS A 589 -13.80 -15.63 -13.89
C LYS A 589 -12.49 -16.31 -14.24
N LEU A 590 -12.46 -17.64 -14.26
CA LEU A 590 -11.25 -18.35 -14.66
C LEU A 590 -10.91 -18.06 -16.12
N LEU A 591 -9.62 -17.93 -16.41
CA LEU A 591 -9.18 -17.84 -17.80
C LEU A 591 -9.40 -19.17 -18.52
N LYS A 592 -8.97 -20.27 -17.91
CA LYS A 592 -9.23 -21.59 -18.46
C LYS A 592 -10.61 -22.05 -18.02
N PRO A 593 -11.48 -22.47 -18.94
CA PRO A 593 -12.84 -22.86 -18.54
C PRO A 593 -12.86 -24.23 -17.88
N ASP A 594 -13.05 -24.25 -16.56
CA ASP A 594 -13.05 -25.48 -15.79
C ASP A 594 -14.45 -25.69 -15.20
N ALA A 595 -15.03 -26.86 -15.44
CA ALA A 595 -16.35 -27.19 -14.94
C ALA A 595 -16.31 -27.97 -13.63
N THR A 596 -15.14 -28.37 -13.16
CA THR A 596 -15.04 -29.09 -11.90
C THR A 596 -15.25 -28.19 -10.68
N CYS A 597 -15.34 -26.88 -10.88
CA CYS A 597 -15.55 -25.96 -9.78
C CYS A 597 -16.92 -26.18 -9.13
N LYS A 598 -16.98 -25.91 -7.84
CA LYS A 598 -18.23 -25.74 -7.10
C LYS A 598 -18.10 -24.40 -6.41
N ASP A 599 -18.71 -23.36 -6.99
CA ASP A 599 -18.57 -22.01 -6.46
C ASP A 599 -19.04 -21.96 -5.01
N ALA A 600 -18.10 -21.74 -4.10
CA ALA A 600 -18.37 -21.80 -2.67
C ALA A 600 -18.55 -20.40 -2.11
N SER A 601 -19.29 -20.32 -0.99
CA SER A 601 -19.60 -19.04 -0.40
C SER A 601 -18.55 -18.54 0.59
N TYR A 602 -17.56 -19.37 0.94
CA TYR A 602 -16.55 -18.90 1.88
C TYR A 602 -15.62 -17.89 1.21
N GLY A 603 -14.89 -17.16 2.05
CA GLY A 603 -14.04 -16.08 1.57
C GLY A 603 -12.93 -16.52 0.64
N PHE A 604 -12.18 -15.54 0.14
CA PHE A 604 -11.07 -15.84 -0.76
C PHE A 604 -10.02 -16.70 -0.10
N VAL A 605 -9.79 -16.51 1.21
CA VAL A 605 -8.75 -17.23 1.93
C VAL A 605 -9.01 -18.73 1.91
N GLY A 606 -10.27 -19.15 1.86
CA GLY A 606 -10.57 -20.57 1.78
C GLY A 606 -10.09 -21.24 0.51
N ARG A 607 -9.83 -20.45 -0.53
CA ARG A 607 -9.33 -20.97 -1.80
C ARG A 607 -7.82 -20.86 -1.93
N TRP A 608 -7.12 -20.37 -0.90
CA TRP A 608 -5.67 -20.29 -0.92
C TRP A 608 -5.07 -21.68 -0.67
N THR A 609 -3.74 -21.72 -0.65
CA THR A 609 -3.04 -22.94 -0.27
C THR A 609 -2.96 -23.03 1.25
N GLU A 610 -2.52 -24.19 1.75
CA GLU A 610 -2.42 -24.39 3.19
C GLU A 610 -1.44 -23.40 3.82
N GLU A 611 -0.31 -23.15 3.14
CA GLU A 611 0.62 -22.14 3.64
C GLU A 611 -0.02 -20.76 3.66
N GLY A 612 -0.85 -20.45 2.65
CA GLY A 612 -1.57 -19.19 2.66
C GLY A 612 -2.52 -19.08 3.83
N LYS A 613 -3.22 -20.17 4.14
CA LYS A 613 -4.12 -20.17 5.30
C LYS A 613 -3.34 -19.98 6.59
N LEU A 614 -2.18 -20.62 6.72
CA LEU A 614 -1.35 -20.42 7.91
C LEU A 614 -0.87 -18.98 8.01
N ILE A 615 -0.49 -18.38 6.88
CA ILE A 615 -0.06 -16.98 6.89
C ILE A 615 -1.19 -16.08 7.33
N VAL A 616 -2.41 -16.33 6.83
CA VAL A 616 -3.54 -15.51 7.23
C VAL A 616 -3.86 -15.72 8.72
N ILE A 617 -3.69 -16.94 9.23
CA ILE A 617 -3.88 -17.17 10.67
C ILE A 617 -2.90 -16.34 11.48
N LEU A 618 -1.62 -16.34 11.06
CA LEU A 618 -0.63 -15.53 11.76
C LEU A 618 -0.96 -14.05 11.66
N VAL A 619 -1.42 -13.60 10.50
CA VAL A 619 -1.75 -12.19 10.31
C VAL A 619 -2.91 -11.81 11.22
N MET A 620 -3.92 -12.68 11.33
CA MET A 620 -5.06 -12.39 12.20
C MET A 620 -4.63 -12.34 13.66
N PHE A 621 -3.78 -13.28 14.09
CA PHE A 621 -3.28 -13.24 15.46
C PHE A 621 -2.51 -11.95 15.74
N LEU A 622 -1.67 -11.53 14.80
CA LEU A 622 -0.94 -10.28 15.00
C LEU A 622 -1.88 -9.08 14.97
N GLY A 623 -2.94 -9.15 14.16
CA GLY A 623 -3.88 -8.05 14.10
C GLY A 623 -4.68 -7.87 15.38
N ARG A 624 -5.11 -8.98 15.98
CA ARG A 624 -5.79 -8.86 17.27
C ARG A 624 -4.84 -8.33 18.34
N LEU A 625 -3.60 -8.82 18.34
CA LEU A 625 -2.59 -8.35 19.28
C LEU A 625 -1.94 -7.05 18.83
N LYS A 626 -2.51 -6.36 17.84
CA LYS A 626 -2.05 -5.02 17.54
C LYS A 626 -2.50 -4.07 18.64
N GLU A 627 -2.03 -2.82 18.55
CA GLU A 627 -2.13 -1.84 19.63
C GLU A 627 -1.49 -2.35 20.93
N PHE A 628 -0.90 -3.53 20.87
CA PHE A 628 -0.15 -4.12 21.97
C PHE A 628 1.31 -4.35 21.59
N ILE A 629 1.54 -4.92 20.41
CA ILE A 629 2.91 -5.11 19.91
C ILE A 629 3.59 -3.77 19.69
N LEU A 630 2.82 -2.71 19.41
CA LEU A 630 3.39 -1.40 19.20
C LEU A 630 4.15 -0.88 20.42
N LYS A 631 3.81 -1.35 21.61
CA LYS A 631 4.52 -0.94 22.82
C LYS A 631 4.98 -2.16 23.62
N ALA B 74 20.54 36.62 -20.17
CA ALA B 74 21.89 36.68 -19.60
C ALA B 74 21.83 37.15 -18.15
N SER B 75 22.27 38.39 -17.91
CA SER B 75 22.24 38.94 -16.56
C SER B 75 20.81 39.11 -16.06
N SER B 76 19.85 39.27 -16.97
CA SER B 76 18.46 39.38 -16.57
C SER B 76 17.98 38.10 -15.90
N VAL B 77 18.41 36.94 -16.40
CA VAL B 77 18.04 35.67 -15.79
C VAL B 77 18.56 35.60 -14.35
N LYS B 78 19.82 35.99 -14.17
CA LYS B 78 20.40 35.97 -12.82
C LYS B 78 19.69 36.94 -11.89
N GLN B 79 19.36 38.14 -12.38
CA GLN B 79 18.66 39.11 -11.55
C GLN B 79 17.29 38.59 -11.14
N SER B 80 16.54 38.02 -12.09
CA SER B 80 15.21 37.50 -11.78
C SER B 80 15.29 36.34 -10.80
N TYR B 81 16.27 35.44 -11.00
CA TYR B 81 16.44 34.32 -10.09
C TYR B 81 16.80 34.78 -8.69
N SER B 82 17.67 35.78 -8.58
CA SER B 82 18.03 36.32 -7.28
C SER B 82 16.83 36.97 -6.60
N PHE B 83 16.02 37.70 -7.37
CA PHE B 83 14.81 38.30 -6.80
C PHE B 83 13.85 37.22 -6.31
N LEU B 84 13.71 36.13 -7.07
CA LEU B 84 12.87 35.03 -6.63
C LEU B 84 13.40 34.39 -5.35
N VAL B 85 14.72 34.19 -5.28
CA VAL B 85 15.31 33.50 -4.13
C VAL B 85 15.21 34.36 -2.88
N CYS B 86 15.39 35.68 -3.01
CA CYS B 86 15.46 36.54 -1.83
C CYS B 86 14.15 36.53 -1.04
N LYS B 87 13.01 36.52 -1.73
CA LYS B 87 11.71 36.62 -1.07
C LYS B 87 11.03 35.27 -0.90
N SER B 88 10.83 34.53 -1.99
CA SER B 88 10.05 33.31 -1.93
C SER B 88 10.83 32.17 -1.28
N ASN B 89 10.10 31.14 -0.86
CA ASN B 89 10.71 29.95 -0.29
C ASN B 89 11.42 29.15 -1.38
N PRO B 90 12.37 28.30 -0.99
CA PRO B 90 13.01 27.43 -1.99
C PRO B 90 12.03 26.53 -2.72
N LEU B 91 10.96 26.08 -2.04
CA LEU B 91 9.97 25.24 -2.69
C LEU B 91 9.28 25.98 -3.82
N VAL B 92 8.88 27.23 -3.59
CA VAL B 92 8.18 28.00 -4.61
C VAL B 92 9.10 28.26 -5.80
N VAL B 93 10.36 28.63 -5.54
CA VAL B 93 11.26 28.93 -6.64
C VAL B 93 11.58 27.68 -7.44
N GLN B 94 11.71 26.52 -6.76
CA GLN B 94 11.99 25.29 -7.49
C GLN B 94 10.76 24.84 -8.28
N LEU B 95 9.57 25.05 -7.74
CA LEU B 95 8.35 24.73 -8.49
C LEU B 95 8.24 25.61 -9.73
N VAL B 96 8.53 26.90 -9.61
CA VAL B 96 8.51 27.79 -10.76
C VAL B 96 9.55 27.36 -11.79
N TYR B 97 10.76 27.02 -11.31
CA TYR B 97 11.82 26.54 -12.20
C TYR B 97 11.38 25.33 -12.99
N PHE B 98 10.86 24.31 -12.30
CA PHE B 98 10.45 23.08 -12.97
C PHE B 98 9.30 23.33 -13.93
N VAL B 99 8.30 24.12 -13.52
CA VAL B 99 7.15 24.37 -14.38
C VAL B 99 7.57 25.09 -15.65
N ILE B 100 8.37 26.15 -15.51
CA ILE B 100 8.75 26.94 -16.68
C ILE B 100 9.66 26.13 -17.60
N ILE B 101 10.58 25.34 -17.04
CA ILE B 101 11.48 24.57 -17.89
C ILE B 101 10.72 23.44 -18.58
N SER B 102 9.77 22.81 -17.87
CA SER B 102 8.96 21.78 -18.50
C SER B 102 8.13 22.35 -19.65
N PHE B 103 7.53 23.53 -19.44
CA PHE B 103 6.76 24.14 -20.50
C PHE B 103 7.63 24.50 -21.69
N ALA B 104 8.84 25.02 -21.43
CA ALA B 104 9.75 25.33 -22.53
C ALA B 104 10.14 24.07 -23.28
N GLY B 105 10.39 22.97 -22.55
CA GLY B 105 10.75 21.72 -23.20
C GLY B 105 9.62 21.17 -24.04
N PHE B 106 8.39 21.24 -23.55
CA PHE B 106 7.25 20.80 -24.34
C PHE B 106 7.10 21.65 -25.59
N LEU B 107 7.25 22.96 -25.45
CA LEU B 107 7.14 23.85 -26.62
C LEU B 107 8.22 23.51 -27.65
N ALA B 108 9.46 23.31 -27.20
CA ALA B 108 10.53 22.94 -28.12
C ALA B 108 10.22 21.61 -28.80
N LEU B 109 9.87 20.59 -28.02
CA LEU B 109 9.51 19.29 -28.59
C LEU B 109 8.43 19.43 -29.64
N LYS B 110 7.49 20.36 -29.45
CA LYS B 110 6.48 20.59 -30.46
C LYS B 110 7.06 21.28 -31.71
N ASN B 111 8.00 22.22 -31.51
CA ASN B 111 8.49 22.99 -32.64
C ASN B 111 9.33 22.14 -33.60
N LEU B 112 10.30 21.39 -33.07
CA LEU B 112 11.16 20.60 -33.95
C LEU B 112 10.61 19.22 -34.26
N LYS B 113 9.28 19.05 -34.22
CA LYS B 113 8.67 17.83 -34.68
C LYS B 113 8.91 17.67 -36.18
N PRO B 114 9.25 16.46 -36.65
CA PRO B 114 9.47 16.27 -38.09
C PRO B 114 8.21 16.59 -38.88
N GLN B 115 8.41 17.18 -40.06
CA GLN B 115 7.30 17.63 -40.90
C GLN B 115 6.85 16.51 -41.83
N GLY B 116 5.55 16.52 -42.13
CA GLY B 116 4.97 15.54 -43.03
C GLY B 116 4.36 14.36 -42.32
N LYS B 117 5.03 13.86 -41.29
CA LYS B 117 4.54 12.74 -40.52
C LYS B 117 3.73 13.24 -39.32
N PRO B 118 2.52 12.73 -39.11
CA PRO B 118 1.72 13.19 -37.97
C PRO B 118 2.26 12.65 -36.65
N GLY B 119 2.83 13.53 -35.84
CA GLY B 119 3.44 13.13 -34.59
C GLY B 119 2.42 12.92 -33.49
N PRO B 120 2.90 12.73 -32.27
CA PRO B 120 2.00 12.50 -31.14
C PRO B 120 1.21 13.75 -30.80
N LYS B 121 0.09 13.53 -30.11
CA LYS B 121 -0.71 14.65 -29.63
C LYS B 121 0.08 15.47 -28.63
N ASP B 122 -0.28 16.76 -28.50
CA ASP B 122 0.47 17.67 -27.66
C ASP B 122 0.53 17.21 -26.21
N LEU B 123 -0.49 16.48 -25.75
CA LEU B 123 -0.46 15.97 -24.39
C LEU B 123 0.67 14.96 -24.20
N ASP B 124 0.88 14.08 -25.20
CA ASP B 124 1.96 13.11 -25.10
C ASP B 124 3.32 13.80 -25.12
N LEU B 125 3.49 14.83 -25.94
CA LEU B 125 4.74 15.58 -25.95
C LEU B 125 4.98 16.27 -24.61
N LEU B 126 3.93 16.87 -24.03
CA LEU B 126 4.06 17.50 -22.73
C LEU B 126 4.42 16.47 -21.66
N PHE B 127 3.81 15.29 -21.71
CA PHE B 127 4.13 14.24 -20.76
C PHE B 127 5.57 13.80 -20.90
N THR B 128 6.05 13.64 -22.14
CA THR B 128 7.44 13.24 -22.35
C THR B 128 8.39 14.31 -21.84
N SER B 129 8.07 15.58 -22.08
CA SER B 129 8.91 16.67 -21.58
C SER B 129 8.94 16.68 -20.06
N VAL B 130 7.79 16.48 -19.42
CA VAL B 130 7.76 16.46 -17.97
C VAL B 130 8.58 15.29 -17.43
N SER B 131 8.35 14.09 -17.95
CA SER B 131 9.05 12.90 -17.46
C SER B 131 10.55 13.01 -17.70
N THR B 132 10.95 13.66 -18.80
CA THR B 132 12.37 13.90 -19.05
C THR B 132 12.94 14.88 -18.05
N LEU B 133 12.25 16.00 -17.83
CA LEU B 133 12.69 16.97 -16.83
C LEU B 133 12.61 16.40 -15.43
N THR B 134 11.53 15.69 -15.11
CA THR B 134 11.30 15.11 -13.80
C THR B 134 12.12 13.85 -13.56
N VAL B 135 13.05 13.53 -14.46
CA VAL B 135 13.89 12.33 -14.45
C VAL B 135 13.09 11.10 -13.98
N SER B 136 11.83 11.02 -14.41
CA SER B 136 10.96 9.91 -14.03
C SER B 136 10.82 8.85 -15.09
N SER B 137 11.21 9.14 -16.34
CA SER B 137 11.30 8.18 -17.45
C SER B 137 9.96 7.55 -17.82
N MET B 138 8.84 8.06 -17.32
CA MET B 138 7.55 7.51 -17.70
C MET B 138 7.20 7.92 -19.12
N ALA B 139 7.04 6.94 -19.99
CA ALA B 139 6.92 7.18 -21.43
C ALA B 139 5.46 7.08 -21.86
N THR B 140 5.01 8.08 -22.60
CA THR B 140 3.73 8.05 -23.28
C THR B 140 3.87 7.86 -24.79
N VAL B 141 5.01 8.27 -25.36
CA VAL B 141 5.30 8.08 -26.78
C VAL B 141 6.53 7.21 -26.91
N GLU B 142 6.54 6.34 -27.91
CA GLU B 142 7.71 5.52 -28.19
C GLU B 142 8.91 6.42 -28.45
N MET B 143 10.07 6.00 -27.90
CA MET B 143 11.28 6.80 -28.05
C MET B 143 11.74 6.91 -29.50
N GLU B 144 11.26 6.03 -30.38
CA GLU B 144 11.62 6.08 -31.78
C GLU B 144 10.79 7.08 -32.58
N ASP B 145 9.77 7.68 -31.98
CA ASP B 145 8.93 8.66 -32.66
C ASP B 145 9.49 10.08 -32.56
N LEU B 146 10.64 10.26 -31.91
CA LEU B 146 11.25 11.57 -31.77
C LEU B 146 12.54 11.62 -32.58
N SER B 147 12.76 12.73 -33.28
CA SER B 147 13.93 12.87 -34.13
C SER B 147 15.17 13.14 -33.28
N ASP B 148 16.30 13.35 -33.97
CA ASP B 148 17.55 13.62 -33.28
C ASP B 148 17.50 14.94 -32.52
N ARG B 149 16.89 15.97 -33.12
CA ARG B 149 16.79 17.26 -32.45
C ARG B 149 15.94 17.17 -31.19
N GLN B 150 14.82 16.46 -31.26
CA GLN B 150 14.02 16.24 -30.06
C GLN B 150 14.77 15.39 -29.04
N LEU B 151 15.61 14.46 -29.50
CA LEU B 151 16.44 13.69 -28.58
C LEU B 151 17.41 14.59 -27.83
N TRP B 152 18.00 15.56 -28.54
CA TRP B 152 18.92 16.48 -27.88
C TRP B 152 18.17 17.44 -26.95
N VAL B 153 16.94 17.81 -27.30
CA VAL B 153 16.12 18.58 -26.37
C VAL B 153 15.88 17.79 -25.10
N LEU B 154 15.59 16.50 -25.24
CA LEU B 154 15.44 15.64 -24.06
C LEU B 154 16.73 15.56 -23.26
N ILE B 155 17.88 15.50 -23.95
CA ILE B 155 19.16 15.48 -23.24
C ILE B 155 19.34 16.75 -22.41
N LEU B 156 19.02 17.90 -23.01
CA LEU B 156 19.13 19.16 -22.30
C LEU B 156 18.19 19.22 -21.11
N LEU B 157 16.96 18.73 -21.27
CA LEU B 157 16.02 18.70 -20.16
C LEU B 157 16.52 17.80 -19.03
N MET B 158 17.11 16.65 -19.39
CA MET B 158 17.66 15.77 -18.37
C MET B 158 18.81 16.43 -17.63
N LEU B 159 19.69 17.11 -18.36
CA LEU B 159 20.81 17.80 -17.72
C LEU B 159 20.31 18.87 -16.76
N MET B 160 19.30 19.63 -17.17
CA MET B 160 18.78 20.70 -16.34
C MET B 160 17.79 20.24 -15.29
N GLY B 161 17.43 18.96 -15.28
CA GLY B 161 16.46 18.46 -14.32
C GLY B 161 16.97 17.38 -13.40
N GLY B 162 18.24 16.99 -13.55
CA GLY B 162 18.79 15.96 -12.69
C GLY B 162 18.89 16.42 -11.25
N GLU B 163 18.91 15.45 -10.34
CA GLU B 163 19.00 15.75 -8.92
C GLU B 163 20.31 16.48 -8.61
N VAL B 164 21.42 15.99 -9.16
CA VAL B 164 22.72 16.59 -8.90
C VAL B 164 22.76 18.01 -9.43
N PHE B 165 22.21 18.25 -10.63
CA PHE B 165 22.26 19.59 -11.20
C PHE B 165 21.39 20.57 -10.42
N THR B 166 20.20 20.14 -9.99
CA THR B 166 19.35 21.02 -9.20
C THR B 166 20.01 21.34 -7.86
N SER B 167 20.62 20.34 -7.21
CA SER B 167 21.33 20.60 -5.97
C SER B 167 22.51 21.53 -6.20
N MET B 168 23.20 21.37 -7.33
CA MET B 168 24.32 22.24 -7.67
C MET B 168 23.86 23.69 -7.88
N LEU B 169 22.73 23.88 -8.56
CA LEU B 169 22.20 25.23 -8.72
C LEU B 169 21.80 25.82 -7.38
N GLY B 170 21.17 25.01 -6.51
CA GLY B 170 20.82 25.49 -5.19
C GLY B 170 22.05 25.89 -4.38
N LEU B 171 23.12 25.11 -4.49
CA LEU B 171 24.36 25.47 -3.80
C LEU B 171 24.95 26.75 -4.36
N TYR B 172 24.93 26.92 -5.68
CA TYR B 172 25.33 28.17 -6.30
C TYR B 172 24.59 29.34 -5.68
N PHE B 173 23.26 29.23 -5.61
CA PHE B 173 22.45 30.36 -5.18
C PHE B 173 22.57 30.62 -3.69
N ASN B 174 22.78 29.56 -2.90
CA ASN B 174 22.97 29.74 -1.47
C ASN B 174 24.34 30.34 -1.17
N ASN B 175 25.38 29.88 -1.87
CA ASN B 175 26.72 30.44 -1.67
C ASN B 175 26.78 31.90 -2.12
N ALA B 176 26.11 32.22 -3.23
CA ALA B 176 26.09 33.61 -3.68
C ALA B 176 25.39 34.51 -2.67
N ASN B 177 24.29 34.04 -2.09
CA ASN B 177 23.56 34.83 -1.10
C ASN B 177 23.89 34.35 0.32
N LEU B 298 33.05 24.60 -1.94
CA LEU B 298 32.34 23.34 -2.16
C LEU B 298 31.59 23.38 -3.49
N VAL B 299 31.27 24.60 -3.94
CA VAL B 299 30.60 24.75 -5.24
C VAL B 299 31.49 24.22 -6.36
N ARG B 300 32.78 24.56 -6.33
CA ARG B 300 33.69 24.11 -7.37
C ARG B 300 33.78 22.59 -7.40
N ILE B 301 33.83 21.97 -6.22
CA ILE B 301 33.95 20.51 -6.16
C ILE B 301 32.71 19.84 -6.75
N VAL B 302 31.52 20.34 -6.41
CA VAL B 302 30.29 19.75 -6.92
C VAL B 302 30.19 19.94 -8.44
N THR B 303 30.50 21.14 -8.93
CA THR B 303 30.45 21.38 -10.37
C THR B 303 31.44 20.50 -11.10
N GLY B 304 32.66 20.38 -10.57
CA GLY B 304 33.64 19.50 -11.19
C GLY B 304 33.18 18.05 -11.19
N TYR B 305 32.61 17.59 -10.08
CA TYR B 305 32.10 16.23 -10.03
C TYR B 305 31.04 15.99 -11.09
N PHE B 306 30.07 16.90 -11.18
CA PHE B 306 28.98 16.75 -12.15
C PHE B 306 29.52 16.73 -13.58
N VAL B 307 30.32 17.73 -13.94
CA VAL B 307 30.80 17.86 -15.32
C VAL B 307 31.71 16.69 -15.67
N ALA B 308 32.64 16.34 -14.77
CA ALA B 308 33.56 15.25 -15.03
C ALA B 308 32.83 13.92 -15.17
N THR B 309 31.84 13.67 -14.31
CA THR B 309 31.10 12.42 -14.40
C THR B 309 30.34 12.33 -15.72
N VAL B 310 29.68 13.42 -16.12
CA VAL B 310 28.94 13.39 -17.38
C VAL B 310 29.87 13.16 -18.56
N ILE B 311 30.99 13.90 -18.60
CA ILE B 311 31.91 13.79 -19.73
C ILE B 311 32.56 12.42 -19.77
N SER B 312 32.98 11.89 -18.60
CA SER B 312 33.61 10.59 -18.57
C SER B 312 32.63 9.49 -18.95
N SER B 313 31.36 9.61 -18.53
CA SER B 313 30.37 8.62 -18.92
C SER B 313 30.16 8.63 -20.44
N SER B 314 30.04 9.82 -21.02
CA SER B 314 29.86 9.91 -22.46
C SER B 314 31.06 9.32 -23.20
N VAL B 315 32.27 9.66 -22.75
CA VAL B 315 33.47 9.16 -23.41
C VAL B 315 33.58 7.65 -23.28
N ILE B 316 33.25 7.11 -22.10
CA ILE B 316 33.34 5.67 -21.87
C ILE B 316 32.36 4.93 -22.77
N ILE B 317 31.13 5.43 -22.86
CA ILE B 317 30.14 4.74 -23.69
C ILE B 317 30.52 4.85 -25.17
N ILE B 318 31.04 6.01 -25.59
CA ILE B 318 31.49 6.16 -26.96
C ILE B 318 32.62 5.17 -27.27
N ILE B 319 33.58 5.04 -26.36
CA ILE B 319 34.70 4.12 -26.57
C ILE B 319 34.19 2.69 -26.64
N TYR B 320 33.26 2.32 -25.76
CA TYR B 320 32.73 0.96 -25.77
C TYR B 320 32.01 0.68 -27.08
N PHE B 321 31.25 1.64 -27.60
CA PHE B 321 30.59 1.43 -28.88
C PHE B 321 31.61 1.35 -30.01
N TRP B 322 32.72 2.09 -29.88
CA TRP B 322 33.76 2.03 -30.91
C TRP B 322 34.41 0.65 -30.94
N ILE B 323 34.72 0.09 -29.77
CA ILE B 323 35.45 -1.18 -29.74
C ILE B 323 34.53 -2.34 -30.14
N ASP B 324 33.27 -2.31 -29.72
CA ASP B 324 32.33 -3.40 -30.00
C ASP B 324 31.39 -2.99 -31.12
N SER B 325 31.42 -3.73 -32.23
CA SER B 325 30.63 -3.38 -33.41
C SER B 325 29.21 -3.90 -33.35
N ASP B 326 28.87 -4.78 -32.41
CA ASP B 326 27.49 -5.26 -32.31
C ASP B 326 26.53 -4.13 -31.97
N ALA B 327 26.93 -3.26 -31.04
CA ALA B 327 26.09 -2.12 -30.70
C ALA B 327 25.95 -1.16 -31.87
N ARG B 328 27.03 -0.97 -32.63
CA ARG B 328 26.94 -0.14 -33.83
C ARG B 328 25.97 -0.73 -34.84
N ASN B 329 26.01 -2.04 -35.03
CA ASN B 329 25.07 -2.69 -35.93
C ASN B 329 23.63 -2.53 -35.44
N VAL B 330 23.41 -2.66 -34.13
CA VAL B 330 22.07 -2.49 -33.58
C VAL B 330 21.57 -1.07 -33.82
N LEU B 331 22.44 -0.08 -33.58
CA LEU B 331 22.06 1.31 -33.78
C LEU B 331 21.78 1.61 -35.24
N LYS B 332 22.59 1.04 -36.14
CA LYS B 332 22.32 1.21 -37.57
C LYS B 332 20.99 0.58 -37.95
N SER B 333 20.66 -0.57 -37.37
CA SER B 333 19.37 -1.20 -37.62
C SER B 333 18.23 -0.30 -37.14
N LYS B 334 18.40 0.33 -35.98
CA LYS B 334 17.39 1.25 -35.46
C LYS B 334 17.52 2.66 -36.02
N GLU B 335 18.55 2.93 -36.82
CA GLU B 335 18.75 4.23 -37.46
C GLU B 335 18.82 5.35 -36.44
N ILE B 336 19.65 5.15 -35.41
CA ILE B 336 19.88 6.14 -34.37
C ILE B 336 21.35 6.55 -34.42
N ASN B 337 21.60 7.85 -34.38
CA ASN B 337 22.98 8.34 -34.41
C ASN B 337 23.77 7.79 -33.22
N MET B 338 24.97 7.30 -33.50
CA MET B 338 25.75 6.61 -32.46
C MET B 338 26.16 7.57 -31.35
N TYR B 339 26.73 8.72 -31.72
CA TYR B 339 27.16 9.68 -30.70
C TYR B 339 25.98 10.25 -29.93
N THR B 340 24.88 10.51 -30.63
CA THR B 340 23.68 10.99 -29.94
C THR B 340 23.17 9.96 -28.94
N PHE B 341 23.15 8.69 -29.34
CA PHE B 341 22.72 7.64 -28.42
C PHE B 341 23.65 7.55 -27.23
N CYS B 342 24.96 7.65 -27.47
CA CYS B 342 25.92 7.55 -26.36
C CYS B 342 25.72 8.69 -25.37
N ILE B 343 25.59 9.92 -25.86
CA ILE B 343 25.39 11.06 -24.97
C ILE B 343 24.07 10.95 -24.24
N PHE B 344 23.01 10.53 -24.95
CA PHE B 344 21.71 10.34 -24.31
C PHE B 344 21.77 9.31 -23.20
N THR B 345 22.42 8.18 -23.46
CA THR B 345 22.52 7.12 -22.45
C THR B 345 23.34 7.59 -21.25
N ALA B 346 24.46 8.28 -21.50
CA ALA B 346 25.28 8.75 -20.38
C ALA B 346 24.53 9.76 -19.53
N VAL B 347 23.86 10.72 -20.16
CA VAL B 347 23.14 11.73 -19.41
C VAL B 347 21.98 11.10 -18.63
N SER B 348 21.26 10.18 -19.26
CA SER B 348 20.13 9.53 -18.58
C SER B 348 20.59 8.66 -17.43
N SER B 349 21.70 7.94 -17.59
CA SER B 349 22.17 7.08 -16.52
C SER B 349 22.72 7.90 -15.35
N PHE B 350 23.48 8.95 -15.65
CA PHE B 350 24.00 9.78 -14.57
C PHE B 350 22.88 10.53 -13.87
N ALA B 351 21.96 11.12 -14.62
CA ALA B 351 20.85 11.84 -14.01
C ALA B 351 19.78 10.93 -13.43
N ASN B 352 19.96 9.61 -13.56
CA ASN B 352 19.02 8.62 -13.04
C ASN B 352 17.62 8.82 -13.63
N CYS B 353 17.54 9.31 -14.87
CA CYS B 353 16.25 9.49 -15.51
C CYS B 353 15.65 8.15 -15.90
N GLY B 354 16.30 7.43 -16.82
CA GLY B 354 15.85 6.13 -17.25
C GLY B 354 15.46 6.03 -18.71
N PHE B 355 15.59 7.10 -19.49
CA PHE B 355 15.24 7.09 -20.89
C PHE B 355 16.43 6.67 -21.75
N THR B 356 16.13 6.08 -22.89
CA THR B 356 17.13 5.73 -23.90
C THR B 356 16.48 5.88 -25.27
N PRO B 357 17.25 6.19 -26.31
CA PRO B 357 16.65 6.33 -27.64
C PRO B 357 15.97 5.07 -28.14
N LEU B 358 16.45 3.89 -27.74
CA LEU B 358 15.77 2.66 -28.09
C LEU B 358 14.40 2.61 -27.44
N ASN B 359 13.39 2.19 -28.21
CA ASN B 359 12.03 2.14 -27.68
C ASN B 359 11.93 1.10 -26.57
N SER B 360 12.62 -0.03 -26.72
CA SER B 360 12.61 -1.09 -25.72
C SER B 360 13.60 -0.85 -24.58
N ASN B 361 14.07 0.39 -24.43
CA ASN B 361 15.04 0.78 -23.39
C ASN B 361 16.30 -0.06 -23.59
N MET B 362 16.88 -0.64 -22.56
CA MET B 362 18.12 -1.40 -22.67
C MET B 362 17.89 -2.87 -22.99
N GLN B 363 16.67 -3.26 -23.30
CA GLN B 363 16.39 -4.66 -23.65
C GLN B 363 17.27 -5.19 -24.77
N PRO B 364 17.51 -4.49 -25.88
CA PRO B 364 18.41 -5.04 -26.91
C PRO B 364 19.84 -5.24 -26.42
N PHE B 365 20.25 -4.56 -25.35
CA PHE B 365 21.61 -4.64 -24.84
C PHE B 365 21.74 -5.52 -23.61
N ARG B 366 20.71 -6.31 -23.29
CA ARG B 366 20.79 -7.19 -22.12
C ARG B 366 21.90 -8.22 -22.27
N LYS B 367 22.23 -8.61 -23.50
CA LYS B 367 23.30 -9.56 -23.73
C LYS B 367 24.68 -8.95 -23.57
N ASN B 368 24.80 -7.62 -23.67
CA ASN B 368 26.08 -6.94 -23.56
C ASN B 368 26.32 -6.60 -22.10
N TRP B 369 26.95 -7.53 -21.38
CA TRP B 369 27.19 -7.32 -19.95
C TRP B 369 28.25 -6.26 -19.70
N VAL B 370 29.17 -6.07 -20.64
CA VAL B 370 30.20 -5.04 -20.48
C VAL B 370 29.57 -3.66 -20.41
N LEU B 371 28.61 -3.39 -21.30
CA LEU B 371 27.94 -2.09 -21.26
C LEU B 371 27.19 -1.89 -19.95
N LEU B 372 26.52 -2.94 -19.45
CA LEU B 372 25.80 -2.82 -18.19
C LEU B 372 26.76 -2.54 -17.04
N LEU B 373 27.91 -3.22 -17.02
CA LEU B 373 28.88 -3.00 -15.95
C LEU B 373 29.53 -1.62 -16.08
N LEU B 374 29.62 -1.08 -17.28
CA LEU B 374 30.16 0.27 -17.47
C LEU B 374 29.13 1.36 -17.19
N VAL B 375 27.84 1.02 -17.27
CA VAL B 375 26.79 2.01 -17.00
C VAL B 375 26.37 2.01 -15.54
N ILE B 376 26.48 0.89 -14.83
CA ILE B 376 26.09 0.84 -13.42
C ILE B 376 26.77 1.93 -12.59
N PRO B 377 28.08 2.18 -12.69
CA PRO B 377 28.67 3.28 -11.91
C PRO B 377 28.06 4.63 -12.23
N GLN B 378 27.66 4.86 -13.49
CA GLN B 378 27.05 6.15 -13.83
C GLN B 378 25.74 6.35 -13.08
N ILE B 379 24.93 5.29 -12.97
CA ILE B 379 23.70 5.37 -12.18
C ILE B 379 24.04 5.54 -10.70
N LEU B 380 25.05 4.81 -10.23
CA LEU B 380 25.45 4.89 -8.83
C LEU B 380 26.25 6.14 -8.50
N ALA B 381 26.56 6.97 -9.49
CA ALA B 381 27.20 8.26 -9.25
C ALA B 381 26.24 9.42 -9.48
N GLY B 382 24.95 9.13 -9.56
CA GLY B 382 23.95 10.17 -9.80
C GLY B 382 23.20 10.55 -8.55
N ASN B 383 21.97 10.05 -8.39
CA ASN B 383 21.22 10.30 -7.17
C ASN B 383 21.67 9.37 -6.05
N THR B 384 21.64 8.07 -6.29
CA THR B 384 22.09 7.11 -5.31
C THR B 384 23.62 7.14 -5.20
N LEU B 385 24.12 6.91 -3.99
CA LEU B 385 25.54 6.99 -3.68
C LEU B 385 26.16 8.30 -4.14
N PHE B 386 25.39 9.39 -4.07
CA PHE B 386 25.97 10.69 -4.40
C PHE B 386 26.72 11.27 -3.21
N SER B 387 26.13 11.18 -2.01
CA SER B 387 26.80 11.68 -0.82
C SER B 387 28.10 10.94 -0.51
N PRO B 388 28.17 9.61 -0.50
CA PRO B 388 29.47 8.98 -0.22
C PRO B 388 30.52 9.23 -1.29
N LEU B 389 30.11 9.25 -2.56
CA LEU B 389 31.07 9.54 -3.62
C LEU B 389 31.59 10.97 -3.53
N LEU B 390 30.71 11.93 -3.23
CA LEU B 390 31.16 13.30 -3.03
C LEU B 390 32.08 13.41 -1.83
N ARG B 391 31.77 12.69 -0.76
CA ARG B 391 32.64 12.70 0.41
C ARG B 391 34.01 12.12 0.09
N LEU B 392 34.06 11.03 -0.67
CA LEU B 392 35.33 10.45 -1.08
C LEU B 392 36.11 11.41 -1.98
N CYS B 393 35.41 12.10 -2.88
CA CYS B 393 36.07 13.07 -3.75
C CYS B 393 36.68 14.21 -2.94
N VAL B 394 35.93 14.73 -1.98
CA VAL B 394 36.45 15.77 -1.10
C VAL B 394 37.65 15.25 -0.33
N TRP B 395 37.57 14.00 0.15
CA TRP B 395 38.66 13.42 0.92
C TRP B 395 39.94 13.31 0.09
N VAL B 396 39.83 12.82 -1.15
CA VAL B 396 41.04 12.66 -1.96
C VAL B 396 41.59 14.02 -2.35
N LEU B 397 40.72 14.99 -2.65
CA LEU B 397 41.21 16.34 -2.94
C LEU B 397 41.96 16.92 -1.75
N GLY B 398 41.41 16.75 -0.54
CA GLY B 398 42.09 17.25 0.64
C GLY B 398 43.41 16.56 0.89
N LYS B 399 43.46 15.25 0.68
CA LYS B 399 44.70 14.50 0.90
C LYS B 399 45.77 14.93 -0.08
N VAL B 400 45.43 15.06 -1.37
CA VAL B 400 46.43 15.39 -2.37
C VAL B 400 46.87 16.84 -2.22
N SER B 401 45.91 17.75 -1.99
CA SER B 401 46.25 19.17 -1.92
C SER B 401 46.89 19.53 -0.57
N GLY B 402 46.40 18.94 0.51
CA GLY B 402 46.85 19.31 1.84
C GLY B 402 46.22 20.56 2.41
N LYS B 403 45.30 21.19 1.68
CA LYS B 403 44.65 22.40 2.17
C LYS B 403 43.71 22.07 3.32
N ALA B 404 43.79 22.86 4.39
CA ALA B 404 42.96 22.62 5.56
C ALA B 404 41.48 22.88 5.31
N GLU B 405 41.15 23.68 4.28
CA GLU B 405 39.75 23.97 3.99
C GLU B 405 39.00 22.70 3.59
N TYR B 406 39.63 21.83 2.80
CA TYR B 406 38.97 20.60 2.39
C TYR B 406 38.70 19.70 3.59
N ALA B 407 39.66 19.58 4.50
CA ALA B 407 39.44 18.78 5.71
C ALA B 407 38.37 19.40 6.59
N TYR B 408 38.34 20.73 6.68
CA TYR B 408 37.30 21.41 7.45
C TYR B 408 35.92 21.11 6.88
N ILE B 409 35.79 21.15 5.55
CA ILE B 409 34.53 20.80 4.91
C ILE B 409 34.19 19.33 5.18
N LEU B 410 35.20 18.46 5.13
CA LEU B 410 34.98 17.03 5.32
C LEU B 410 34.44 16.73 6.72
N GLN B 411 35.04 17.33 7.74
CA GLN B 411 34.70 16.96 9.11
C GLN B 411 33.59 17.83 9.68
N HIS B 412 33.29 18.97 9.06
CA HIS B 412 32.08 19.75 9.31
C HIS B 412 31.15 19.68 8.11
N PRO B 413 30.42 18.57 7.94
CA PRO B 413 29.48 18.49 6.82
C PRO B 413 28.25 19.35 7.00
N GLY B 414 27.83 19.58 8.25
CA GLY B 414 26.62 20.36 8.49
C GLY B 414 26.84 21.86 8.40
N GLU B 415 28.07 22.32 8.59
CA GLU B 415 28.34 23.75 8.57
C GLU B 415 28.10 24.34 7.18
N THR B 416 28.51 23.62 6.14
CA THR B 416 28.34 24.14 4.78
C THR B 416 26.88 24.11 4.33
N GLY B 417 26.03 23.34 5.01
CA GLY B 417 24.62 23.31 4.70
C GLY B 417 24.22 22.46 3.51
N TYR B 418 25.16 21.75 2.90
CA TYR B 418 24.83 20.91 1.75
C TYR B 418 24.01 19.70 2.19
N LYS B 419 22.92 19.44 1.46
CA LYS B 419 22.07 18.31 1.80
C LYS B 419 22.78 16.99 1.55
N HIS B 420 23.53 16.89 0.46
CA HIS B 420 24.15 15.64 0.04
C HIS B 420 25.60 15.51 0.51
N LEU B 421 25.94 16.13 1.63
CA LEU B 421 27.27 16.00 2.23
C LEU B 421 27.05 15.75 3.72
N HIS B 422 27.16 14.48 4.13
CA HIS B 422 26.86 14.08 5.49
C HIS B 422 28.13 13.68 6.23
N VAL B 423 27.95 13.23 7.47
CA VAL B 423 29.06 12.80 8.30
C VAL B 423 29.48 11.39 7.90
N ARG B 424 30.70 10.99 8.29
CA ARG B 424 31.24 9.68 7.92
C ARG B 424 30.27 8.56 8.25
N ARG B 425 29.64 8.62 9.42
CA ARG B 425 28.70 7.58 9.80
C ARG B 425 27.52 7.53 8.83
N ASN B 426 26.99 8.69 8.45
CA ASN B 426 25.85 8.72 7.54
C ASN B 426 26.24 8.23 6.15
N SER B 427 27.43 8.60 5.66
CA SER B 427 27.86 8.13 4.35
C SER B 427 28.08 6.62 4.35
N VAL B 428 28.67 6.09 5.43
CA VAL B 428 28.82 4.64 5.56
C VAL B 428 27.46 3.98 5.59
N TYR B 429 26.49 4.62 6.25
CA TYR B 429 25.13 4.09 6.23
C TYR B 429 24.56 4.07 4.82
N ILE B 430 24.81 5.13 4.04
CA ILE B 430 24.32 5.18 2.66
C ILE B 430 24.88 4.00 1.88
N VAL B 431 26.20 3.81 1.95
CA VAL B 431 26.84 2.73 1.20
C VAL B 431 26.29 1.38 1.65
N LEU B 432 26.23 1.15 2.96
CA LEU B 432 25.78 -0.14 3.48
C LEU B 432 24.33 -0.41 3.10
N SER B 433 23.47 0.60 3.25
CA SER B 433 22.05 0.41 2.97
C SER B 433 21.82 0.12 1.49
N VAL B 434 22.45 0.89 0.61
CA VAL B 434 22.23 0.68 -0.82
C VAL B 434 22.80 -0.67 -1.26
N THR B 435 24.00 -1.01 -0.77
CA THR B 435 24.60 -2.29 -1.12
C THR B 435 23.74 -3.45 -0.63
N GLY B 436 23.23 -3.36 0.60
CA GLY B 436 22.39 -4.42 1.12
C GLY B 436 21.08 -4.55 0.37
N LEU B 437 20.46 -3.42 0.01
CA LEU B 437 19.24 -3.47 -0.77
C LEU B 437 19.47 -4.07 -2.15
N ILE B 438 20.57 -3.69 -2.79
CA ILE B 438 20.91 -4.26 -4.10
C ILE B 438 21.13 -5.76 -3.98
N LEU B 439 21.86 -6.18 -2.95
CA LEU B 439 22.11 -7.61 -2.76
C LEU B 439 20.82 -8.38 -2.49
N LEU B 440 19.92 -7.79 -1.70
CA LEU B 440 18.64 -8.44 -1.42
C LEU B 440 17.81 -8.58 -2.70
N GLN B 441 17.76 -7.52 -3.50
CA GLN B 441 17.03 -7.58 -4.76
C GLN B 441 17.64 -8.62 -5.70
N VAL B 442 18.97 -8.65 -5.79
CA VAL B 442 19.63 -9.63 -6.65
C VAL B 442 19.34 -11.04 -6.16
N MET B 443 19.37 -11.26 -4.84
CA MET B 443 19.08 -12.58 -4.30
C MET B 443 17.68 -13.02 -4.65
N PHE B 444 16.69 -12.15 -4.45
CA PHE B 444 15.31 -12.54 -4.72
C PHE B 444 15.08 -12.78 -6.21
N ILE B 445 15.62 -11.90 -7.07
CA ILE B 445 15.40 -12.06 -8.50
C ILE B 445 16.11 -13.30 -9.02
N CYS B 446 17.30 -13.60 -8.51
CA CYS B 446 18.00 -14.81 -8.92
C CYS B 446 17.26 -16.05 -8.42
N SER B 447 16.67 -15.97 -7.24
CA SER B 447 15.88 -17.10 -6.74
C SER B 447 14.66 -17.35 -7.60
N PHE B 448 13.98 -16.28 -8.04
CA PHE B 448 12.69 -16.44 -8.69
C PHE B 448 12.79 -16.52 -10.22
N GLU B 449 13.31 -15.48 -10.86
CA GLU B 449 13.23 -15.33 -12.31
C GLU B 449 14.54 -15.65 -13.02
N TRP B 450 15.39 -16.49 -12.43
CA TRP B 450 16.63 -16.86 -13.13
C TRP B 450 16.33 -17.64 -14.39
N ASN B 451 15.35 -18.54 -14.35
CA ASN B 451 14.97 -19.36 -15.49
C ASN B 451 13.83 -18.77 -16.29
N SER B 452 13.43 -17.53 -16.02
CA SER B 452 12.30 -16.93 -16.71
C SER B 452 12.65 -16.68 -18.18
N GLU B 453 11.60 -16.50 -18.99
CA GLU B 453 11.78 -16.28 -20.42
C GLU B 453 12.54 -14.99 -20.71
N SER B 454 12.38 -13.97 -19.86
CA SER B 454 13.03 -12.68 -20.10
C SER B 454 14.54 -12.77 -20.10
N LEU B 455 15.11 -13.83 -19.51
CA LEU B 455 16.56 -14.04 -19.49
C LEU B 455 17.00 -15.23 -20.33
N GLU B 456 16.11 -15.80 -21.13
CA GLU B 456 16.46 -16.95 -21.94
C GLU B 456 17.47 -16.56 -23.01
N GLY B 457 18.45 -17.43 -23.25
CA GLY B 457 19.50 -17.17 -24.20
C GLY B 457 20.70 -16.43 -23.65
N MET B 458 20.82 -16.32 -22.33
CA MET B 458 21.92 -15.60 -21.70
C MET B 458 22.77 -16.56 -20.88
N ASN B 459 24.07 -16.27 -20.84
CA ASN B 459 24.99 -17.04 -20.01
C ASN B 459 24.74 -16.75 -18.53
N TRP B 460 25.33 -17.59 -17.67
CA TRP B 460 25.17 -17.38 -16.23
C TRP B 460 25.76 -16.04 -15.80
N LEU B 461 26.94 -15.70 -16.32
CA LEU B 461 27.52 -14.39 -16.05
C LEU B 461 26.66 -13.27 -16.63
N GLN B 462 26.13 -13.47 -17.84
CA GLN B 462 25.26 -12.48 -18.45
C GLN B 462 24.00 -12.28 -17.60
N LYS B 463 23.40 -13.38 -17.15
CA LYS B 463 22.21 -13.28 -16.32
C LYS B 463 22.52 -12.57 -15.00
N LEU B 464 23.66 -12.90 -14.38
CA LEU B 464 24.02 -12.28 -13.11
C LEU B 464 24.22 -10.78 -13.28
N VAL B 465 24.95 -10.38 -14.32
CA VAL B 465 25.21 -8.95 -14.54
C VAL B 465 23.91 -8.23 -14.86
N GLY B 466 23.05 -8.82 -15.69
CA GLY B 466 21.79 -8.18 -16.01
C GLY B 466 20.89 -8.02 -14.80
N LEU B 467 20.81 -9.04 -13.95
CA LEU B 467 19.99 -8.94 -12.75
C LEU B 467 20.56 -7.93 -11.78
N LEU B 468 21.89 -7.85 -11.66
CA LEU B 468 22.49 -6.82 -10.82
C LEU B 468 22.20 -5.42 -11.36
N PHE B 469 22.24 -5.26 -12.68
CA PHE B 469 21.91 -3.99 -13.30
C PHE B 469 20.46 -3.61 -13.02
N GLN B 470 19.54 -4.58 -13.14
CA GLN B 470 18.14 -4.31 -12.84
C GLN B 470 17.94 -3.94 -11.38
N SER B 471 18.61 -4.65 -10.46
CA SER B 471 18.49 -4.35 -9.05
C SER B 471 19.02 -2.97 -8.72
N VAL B 472 20.15 -2.58 -9.34
CA VAL B 472 20.68 -1.23 -9.16
C VAL B 472 19.69 -0.21 -9.68
N ASN B 473 19.05 -0.50 -10.81
CA ASN B 473 18.13 0.46 -11.43
C ASN B 473 16.83 0.58 -10.67
N THR B 474 16.44 -0.45 -9.91
CA THR B 474 15.12 -0.46 -9.30
C THR B 474 14.95 0.72 -8.35
N ARG B 475 15.97 1.05 -7.57
CA ARG B 475 15.86 2.07 -6.54
C ARG B 475 15.41 3.40 -7.13
N GLN B 476 16.28 4.06 -7.91
CA GLN B 476 15.82 5.11 -8.83
C GLN B 476 16.82 5.20 -9.98
N ALA B 477 16.60 4.41 -11.03
CA ALA B 477 17.21 4.70 -12.31
C ALA B 477 16.16 4.72 -13.41
N GLY B 478 15.35 3.68 -13.47
CA GLY B 478 14.34 3.55 -14.51
C GLY B 478 14.70 2.61 -15.65
N GLU B 479 15.97 2.60 -16.04
CA GLU B 479 16.39 1.75 -17.15
C GLU B 479 16.19 0.29 -16.81
N SER B 480 15.63 -0.46 -17.77
CA SER B 480 15.34 -1.87 -17.56
C SER B 480 15.82 -2.67 -18.75
N ILE B 481 16.23 -3.91 -18.48
CA ILE B 481 16.60 -4.86 -19.52
C ILE B 481 15.62 -6.01 -19.64
N LEU B 482 14.66 -6.12 -18.73
CA LEU B 482 13.63 -7.14 -18.77
C LEU B 482 12.27 -6.50 -18.92
N ASP B 483 11.37 -7.18 -19.63
CA ASP B 483 9.97 -6.78 -19.66
C ASP B 483 9.38 -7.06 -18.28
N ILE B 484 9.24 -6.01 -17.47
CA ILE B 484 8.88 -6.17 -16.07
C ILE B 484 7.54 -6.88 -15.90
N SER B 485 6.69 -6.88 -16.92
CA SER B 485 5.41 -7.57 -16.83
C SER B 485 5.60 -9.07 -16.64
N THR B 486 6.56 -9.66 -17.37
CA THR B 486 6.75 -11.11 -17.32
C THR B 486 7.29 -11.61 -16.00
N LEU B 487 7.76 -10.72 -15.11
CA LEU B 487 8.30 -11.15 -13.84
C LEU B 487 7.19 -11.65 -12.92
N SER B 488 7.58 -12.51 -11.98
CA SER B 488 6.63 -13.11 -11.07
C SER B 488 6.07 -12.07 -10.10
N PRO B 489 4.88 -12.32 -9.55
CA PRO B 489 4.28 -11.32 -8.64
C PRO B 489 5.12 -10.99 -7.42
N SER B 490 5.88 -11.95 -6.90
CA SER B 490 6.72 -11.66 -5.74
C SER B 490 7.79 -10.63 -6.08
N THR B 491 8.42 -10.77 -7.25
CA THR B 491 9.44 -9.80 -7.66
C THR B 491 8.80 -8.45 -7.98
N LEU B 492 7.61 -8.45 -8.57
CA LEU B 492 6.91 -7.18 -8.80
C LEU B 492 6.61 -6.47 -7.49
N LEU B 493 6.17 -7.23 -6.48
CA LEU B 493 5.90 -6.62 -5.19
C LEU B 493 7.18 -6.12 -4.53
N LEU B 494 8.28 -6.85 -4.69
CA LEU B 494 9.56 -6.38 -4.18
C LEU B 494 9.97 -5.08 -4.86
N PHE B 495 9.77 -4.99 -6.17
CA PHE B 495 10.04 -3.76 -6.90
C PHE B 495 9.19 -2.62 -6.35
N ALA B 496 7.89 -2.87 -6.15
CA ALA B 496 7.01 -1.83 -5.63
C ALA B 496 7.46 -1.37 -4.25
N VAL B 497 7.87 -2.31 -3.40
CA VAL B 497 8.34 -1.95 -2.07
C VAL B 497 9.59 -1.08 -2.16
N VAL B 498 10.55 -1.47 -3.01
CA VAL B 498 11.81 -0.74 -3.08
C VAL B 498 11.58 0.67 -3.62
N MET B 499 10.78 0.81 -4.68
CA MET B 499 10.50 2.14 -5.21
C MET B 499 9.58 2.93 -4.29
N TYR B 500 8.89 2.27 -3.35
CA TYR B 500 8.16 3.02 -2.34
C TYR B 500 9.06 3.47 -1.19
N LEU B 501 10.19 2.83 -0.99
CA LEU B 501 11.08 3.22 0.09
C LEU B 501 11.59 4.64 -0.14
N PRO B 502 11.46 5.54 0.83
CA PRO B 502 11.92 6.92 0.62
C PRO B 502 13.43 6.97 0.45
N SER B 503 13.87 7.98 -0.30
CA SER B 503 15.30 8.14 -0.56
C SER B 503 16.05 8.36 0.75
N ASP B 504 17.27 7.82 0.82
CA ASP B 504 18.06 7.90 2.04
C ASP B 504 18.39 9.34 2.40
N ALA B 505 18.48 10.22 1.40
CA ALA B 505 18.63 11.65 1.69
C ALA B 505 17.38 12.19 2.38
N SER B 506 16.20 11.67 2.03
CA SER B 506 14.97 12.05 2.71
C SER B 506 14.78 11.31 4.03
N PHE B 507 15.64 10.34 4.35
CA PHE B 507 15.57 9.64 5.62
C PHE B 507 16.54 10.20 6.65
N LEU B 508 17.78 10.46 6.27
CA LEU B 508 18.75 11.00 7.22
C LEU B 508 18.42 12.44 7.58
N THR B 509 18.10 13.27 6.58
CA THR B 509 17.80 14.67 6.84
C THR B 509 16.55 14.82 7.69
N ALA B 510 15.50 14.04 7.39
CA ALA B 510 14.28 14.09 8.18
C ALA B 510 14.43 13.43 9.54
N ASN B 511 15.45 12.60 9.73
CA ASN B 511 15.65 11.91 11.00
C ASN B 511 17.13 11.84 11.36
N ILE B 525 -5.76 20.38 18.70
CA ILE B 525 -4.47 19.69 18.67
C ILE B 525 -4.58 18.45 17.79
N SER B 526 -5.73 17.77 17.88
CA SER B 526 -5.93 16.56 17.09
C SER B 526 -5.92 16.85 15.60
N ARG B 527 -6.34 18.06 15.20
CA ARG B 527 -6.25 18.44 13.79
C ARG B 527 -4.80 18.55 13.35
N ALA B 528 -3.92 19.01 14.23
CA ALA B 528 -2.49 19.03 13.91
C ALA B 528 -1.97 17.61 13.72
N LEU B 529 -2.42 16.67 14.54
CA LEU B 529 -2.02 15.28 14.36
C LEU B 529 -2.56 14.72 13.04
N TRP B 530 -3.79 15.09 12.68
CA TRP B 530 -4.34 14.67 11.38
C TRP B 530 -3.49 15.20 10.23
N ARG B 531 -3.10 16.48 10.30
CA ARG B 531 -2.25 17.05 9.26
C ARG B 531 -0.90 16.34 9.21
N ASN B 532 -0.31 16.08 10.38
CA ASN B 532 0.97 15.37 10.43
C ASN B 532 0.86 13.99 9.82
N PHE B 533 -0.27 13.31 10.04
CA PHE B 533 -0.46 11.98 9.47
C PHE B 533 -0.73 12.04 7.98
N THR B 534 -1.34 13.11 7.48
CA THR B 534 -1.61 13.21 6.05
C THR B 534 -0.33 13.35 5.23
N VAL B 535 0.77 13.80 5.83
CA VAL B 535 2.05 13.86 5.14
C VAL B 535 2.94 12.71 5.59
N ASN B 536 2.81 11.57 4.93
CA ASN B 536 3.62 10.40 5.25
C ASN B 536 4.06 9.63 4.01
N LYS B 537 3.86 10.17 2.81
CA LYS B 537 4.16 9.60 1.51
C LYS B 537 3.14 8.51 1.14
N LEU B 538 2.26 8.10 2.05
CA LEU B 538 1.30 7.04 1.78
C LEU B 538 -0.10 7.57 1.46
N SER B 539 -0.55 8.60 2.18
CA SER B 539 -1.87 9.16 1.91
C SER B 539 -1.94 9.75 0.51
N CYS B 540 -0.90 10.44 0.07
CA CYS B 540 -0.87 10.99 -1.28
C CYS B 540 -0.93 9.87 -2.32
N LEU B 541 -0.18 8.80 -2.11
CA LEU B 541 -0.21 7.68 -3.03
C LEU B 541 -1.61 7.06 -3.10
N ALA B 542 -2.26 6.88 -1.94
CA ALA B 542 -3.60 6.32 -1.93
C ALA B 542 -4.58 7.22 -2.66
N MET B 543 -4.49 8.54 -2.42
CA MET B 543 -5.42 9.46 -3.07
C MET B 543 -5.22 9.47 -4.59
N PHE B 544 -3.96 9.49 -5.03
CA PHE B 544 -3.69 9.49 -6.47
C PHE B 544 -4.09 8.17 -7.12
N THR B 545 -3.88 7.06 -6.43
CA THR B 545 -4.33 5.78 -6.97
C THR B 545 -5.84 5.72 -7.06
N PHE B 546 -6.53 6.29 -6.06
CA PHE B 546 -7.99 6.35 -6.11
C PHE B 546 -8.45 7.18 -7.30
N LEU B 547 -7.81 8.33 -7.54
CA LEU B 547 -8.17 9.14 -8.69
C LEU B 547 -7.90 8.41 -10.01
N ALA B 548 -6.76 7.72 -10.11
CA ALA B 548 -6.43 7.02 -11.33
C ALA B 548 -7.42 5.88 -11.58
N CYS B 549 -7.82 5.17 -10.53
CA CYS B 549 -8.82 4.12 -10.68
C CYS B 549 -10.17 4.70 -11.07
N ILE B 550 -10.49 5.90 -10.59
CA ILE B 550 -11.73 6.56 -10.99
C ILE B 550 -11.69 6.88 -12.49
N THR B 551 -10.57 7.42 -12.96
CA THR B 551 -10.49 7.84 -14.36
C THR B 551 -10.48 6.64 -15.30
N GLU B 552 -9.91 5.51 -14.88
CA GLU B 552 -9.77 4.34 -15.73
C GLU B 552 -10.81 3.27 -15.43
N ARG B 553 -11.99 3.66 -14.92
CA ARG B 553 -12.99 2.68 -14.55
C ARG B 553 -13.45 1.86 -15.76
N LYS B 554 -13.65 2.51 -16.90
CA LYS B 554 -14.04 1.79 -18.11
C LYS B 554 -12.95 0.83 -18.54
N SER B 555 -11.69 1.27 -18.50
CA SER B 555 -10.58 0.42 -18.91
C SER B 555 -10.42 -0.77 -17.96
N ILE B 556 -10.57 -0.52 -16.65
CA ILE B 556 -10.46 -1.63 -15.69
C ILE B 556 -11.58 -2.63 -15.90
N SER B 557 -12.81 -2.14 -16.10
CA SER B 557 -13.93 -3.05 -16.31
C SER B 557 -13.77 -3.86 -17.59
N SER B 558 -13.34 -3.22 -18.67
CA SER B 558 -13.21 -3.92 -19.95
C SER B 558 -11.98 -4.80 -20.00
N ASP B 559 -10.87 -4.35 -19.41
CA ASP B 559 -9.58 -5.04 -19.50
C ASP B 559 -9.00 -5.21 -18.11
N PRO B 560 -9.46 -6.22 -17.36
CA PRO B 560 -8.98 -6.39 -15.98
C PRO B 560 -7.60 -7.01 -15.88
N LEU B 561 -7.08 -7.63 -16.94
CA LEU B 561 -5.77 -8.27 -16.86
C LEU B 561 -4.64 -7.25 -16.91
N ASN B 562 -4.76 -6.21 -17.71
CA ASN B 562 -3.76 -5.16 -17.80
C ASN B 562 -4.11 -3.93 -16.97
N PHE B 563 -5.38 -3.52 -16.99
CA PHE B 563 -5.83 -2.39 -16.18
C PHE B 563 -6.40 -2.88 -14.84
N ASN B 564 -5.54 -3.52 -14.06
CA ASN B 564 -5.93 -3.92 -12.71
C ASN B 564 -5.38 -2.91 -11.70
N ILE B 565 -5.89 -3.02 -10.47
CA ILE B 565 -5.55 -2.02 -9.45
C ILE B 565 -4.07 -2.08 -9.09
N PHE B 566 -3.47 -3.26 -9.10
CA PHE B 566 -2.05 -3.35 -8.77
C PHE B 566 -1.19 -2.63 -9.81
N SER B 567 -1.55 -2.73 -11.09
CA SER B 567 -0.79 -2.03 -12.12
C SER B 567 -0.87 -0.52 -11.94
N ILE B 568 -2.06 -0.02 -11.58
CA ILE B 568 -2.21 1.40 -11.34
C ILE B 568 -1.41 1.83 -10.11
N VAL B 569 -1.41 0.99 -9.06
CA VAL B 569 -0.59 1.26 -7.89
C VAL B 569 0.88 1.33 -8.27
N PHE B 570 1.33 0.39 -9.12
CA PHE B 570 2.72 0.37 -9.56
C PHE B 570 3.06 1.62 -10.34
N GLU B 571 2.17 2.05 -11.24
CA GLU B 571 2.43 3.26 -12.02
C GLU B 571 2.49 4.49 -11.11
N ILE B 572 1.59 4.57 -10.13
CA ILE B 572 1.58 5.73 -9.24
C ILE B 572 2.84 5.74 -8.38
N ILE B 573 3.26 4.58 -7.87
CA ILE B 573 4.50 4.51 -7.09
C ILE B 573 5.69 4.90 -7.96
N SER B 574 5.72 4.43 -9.21
CA SER B 574 6.81 4.78 -10.11
C SER B 574 6.85 6.27 -10.38
N ALA B 575 5.69 6.88 -10.60
CA ALA B 575 5.66 8.32 -10.89
C ALA B 575 6.05 9.14 -9.68
N PHE B 576 5.56 8.77 -8.49
CA PHE B 576 5.86 9.56 -7.31
C PHE B 576 7.30 9.37 -6.87
N GLY B 577 7.84 8.16 -7.01
CA GLY B 577 9.23 7.90 -6.73
C GLY B 577 10.18 8.27 -7.85
N ASN B 578 9.65 8.71 -9.00
CA ASN B 578 10.46 9.11 -10.15
C ASN B 578 11.38 7.99 -10.61
N VAL B 579 10.94 6.74 -10.45
CA VAL B 579 11.76 5.61 -10.88
C VAL B 579 11.65 5.40 -12.39
N GLY B 580 10.45 5.05 -12.85
CA GLY B 580 10.22 4.80 -14.27
C GLY B 580 9.80 3.40 -14.62
N TYR B 581 9.66 2.50 -13.66
CA TYR B 581 9.22 1.14 -13.96
C TYR B 581 7.75 1.15 -14.34
N SER B 582 7.45 0.61 -15.52
CA SER B 582 6.09 0.50 -16.00
C SER B 582 5.76 -0.98 -16.19
N LEU B 583 4.62 -1.39 -15.66
CA LEU B 583 4.20 -2.78 -15.80
C LEU B 583 3.87 -3.15 -17.24
N GLY B 584 3.75 -2.18 -18.13
CA GLY B 584 3.54 -2.45 -19.54
C GLY B 584 2.10 -2.79 -19.87
N TYR B 585 1.88 -3.07 -21.15
CA TYR B 585 0.55 -3.41 -21.65
C TYR B 585 0.74 -4.33 -22.85
N SER B 586 0.51 -5.63 -22.64
CA SER B 586 0.53 -6.60 -23.73
C SER B 586 -0.91 -6.86 -24.16
N CYS B 587 -1.27 -6.41 -25.36
CA CYS B 587 -2.65 -6.56 -25.81
C CYS B 587 -3.03 -8.02 -26.03
N GLN B 588 -2.05 -8.93 -26.09
CA GLN B 588 -2.37 -10.34 -26.14
C GLN B 588 -3.07 -10.82 -24.86
N LYS B 589 -3.00 -10.04 -23.79
CA LYS B 589 -3.64 -10.36 -22.54
C LYS B 589 -5.07 -9.83 -22.45
N LEU B 590 -5.60 -9.28 -23.53
CA LEU B 590 -6.99 -8.82 -23.54
C LEU B 590 -7.94 -9.98 -23.31
N LEU B 591 -8.97 -9.75 -22.50
CA LEU B 591 -10.04 -10.73 -22.36
C LEU B 591 -10.79 -10.91 -23.67
N LYS B 592 -11.23 -9.80 -24.26
CA LYS B 592 -11.87 -9.84 -25.56
C LYS B 592 -10.81 -9.84 -26.65
N PRO B 593 -10.84 -10.79 -27.59
CA PRO B 593 -9.78 -10.83 -28.61
C PRO B 593 -9.95 -9.74 -29.65
N ASP B 594 -9.08 -8.73 -29.59
CA ASP B 594 -9.13 -7.58 -30.49
C ASP B 594 -7.86 -7.55 -31.32
N ALA B 595 -8.03 -7.50 -32.65
CA ALA B 595 -6.90 -7.46 -33.57
C ALA B 595 -6.52 -6.05 -33.99
N THR B 596 -7.30 -5.03 -33.60
CA THR B 596 -6.96 -3.66 -33.95
C THR B 596 -5.78 -3.12 -33.14
N CYS B 597 -5.32 -3.86 -32.13
CA CYS B 597 -4.19 -3.41 -31.33
C CYS B 597 -2.92 -3.33 -32.15
N LYS B 598 -2.06 -2.39 -31.78
CA LYS B 598 -0.67 -2.36 -32.23
C LYS B 598 0.15 -2.30 -30.95
N ASP B 599 0.70 -3.44 -30.53
CA ASP B 599 1.43 -3.52 -29.28
C ASP B 599 2.58 -2.52 -29.28
N ALA B 600 2.49 -1.50 -28.44
CA ALA B 600 3.45 -0.41 -28.43
C ALA B 600 4.44 -0.59 -27.29
N SER B 601 5.62 0.01 -27.46
CA SER B 601 6.70 -0.16 -26.49
C SER B 601 6.66 0.87 -25.37
N TYR B 602 5.79 1.87 -25.43
CA TYR B 602 5.75 2.85 -24.36
C TYR B 602 5.10 2.27 -23.11
N GLY B 603 5.31 2.94 -21.99
CA GLY B 603 4.84 2.45 -20.70
C GLY B 603 3.35 2.28 -20.59
N PHE B 604 2.90 1.75 -19.46
CA PHE B 604 1.48 1.57 -19.23
C PHE B 604 0.73 2.90 -19.25
N VAL B 605 1.37 3.97 -18.78
CA VAL B 605 0.71 5.27 -18.69
C VAL B 605 0.28 5.77 -20.06
N GLY B 606 1.03 5.42 -21.11
CA GLY B 606 0.64 5.82 -22.46
C GLY B 606 -0.68 5.24 -22.92
N ARG B 607 -1.13 4.15 -22.29
CA ARG B 607 -2.41 3.53 -22.63
C ARG B 607 -3.55 3.98 -21.72
N TRP B 608 -3.29 4.90 -20.79
CA TRP B 608 -4.34 5.41 -19.93
C TRP B 608 -5.19 6.43 -20.69
N THR B 609 -6.17 6.99 -19.99
CA THR B 609 -6.95 8.08 -20.53
C THR B 609 -6.19 9.40 -20.36
N GLU B 610 -6.71 10.46 -21.00
CA GLU B 610 -6.06 11.76 -20.90
C GLU B 610 -6.05 12.25 -19.45
N GLU B 611 -7.14 12.03 -18.72
CA GLU B 611 -7.18 12.38 -17.31
C GLU B 611 -6.15 11.58 -16.52
N GLY B 612 -5.97 10.30 -16.86
CA GLY B 612 -4.94 9.50 -16.22
C GLY B 612 -3.55 10.04 -16.48
N LYS B 613 -3.28 10.48 -17.73
CA LYS B 613 -1.99 11.07 -18.04
C LYS B 613 -1.77 12.36 -17.26
N LEU B 614 -2.81 13.19 -17.13
CA LEU B 614 -2.69 14.40 -16.33
C LEU B 614 -2.41 14.08 -14.87
N ILE B 615 -3.09 13.06 -14.33
CA ILE B 615 -2.85 12.66 -12.95
C ILE B 615 -1.42 12.20 -12.76
N VAL B 616 -0.90 11.41 -13.72
CA VAL B 616 0.49 10.96 -13.60
C VAL B 616 1.45 12.13 -13.72
N ILE B 617 1.13 13.13 -14.54
CA ILE B 617 1.97 14.32 -14.64
C ILE B 617 2.03 15.03 -13.29
N LEU B 618 0.86 15.20 -12.66
CA LEU B 618 0.83 15.83 -11.34
C LEU B 618 1.61 15.01 -10.32
N VAL B 619 1.48 13.69 -10.38
CA VAL B 619 2.19 12.82 -9.44
C VAL B 619 3.69 12.95 -9.63
N MET B 620 4.15 13.01 -10.89
CA MET B 620 5.58 13.17 -11.14
C MET B 620 6.09 14.51 -10.66
N PHE B 621 5.33 15.59 -10.89
CA PHE B 621 5.73 16.89 -10.36
C PHE B 621 5.82 16.87 -8.85
N LEU B 622 4.86 16.24 -8.17
CA LEU B 622 4.91 16.18 -6.72
C LEU B 622 6.06 15.29 -6.25
N GLY B 623 6.37 14.25 -7.02
CA GLY B 623 7.46 13.37 -6.64
C GLY B 623 8.82 14.03 -6.74
N ARG B 624 9.03 14.82 -7.79
CA ARG B 624 10.28 15.56 -7.88
C ARG B 624 10.38 16.60 -6.78
N LEU B 625 9.28 17.29 -6.49
CA LEU B 625 9.25 18.30 -5.44
C LEU B 625 9.10 17.69 -4.06
N LYS B 626 9.19 16.37 -3.93
CA LYS B 626 9.28 15.78 -2.61
C LYS B 626 10.69 15.99 -2.04
N GLU B 627 10.85 15.62 -0.77
CA GLU B 627 11.82 16.11 0.23
C GLU B 627 11.74 17.61 0.40
N PHE B 628 10.81 18.30 -0.26
CA PHE B 628 10.58 19.73 -0.10
C PHE B 628 9.19 20.05 0.43
N ILE B 629 8.16 19.37 -0.08
CA ILE B 629 6.81 19.56 0.43
C ILE B 629 6.72 19.13 1.88
N LEU B 630 7.55 18.16 2.29
CA LEU B 630 7.55 17.68 3.66
C LEU B 630 7.89 18.78 4.67
N LYS B 631 8.63 19.80 4.25
CA LYS B 631 8.97 20.90 5.15
C LYS B 631 8.56 22.25 4.56
#